data_4LLY
#
_entry.id   4LLY
#
_cell.length_a   52.772
_cell.length_b   52.847
_cell.length_c   89.483
_cell.angle_alpha   76.88
_cell.angle_beta   84.32
_cell.angle_gamma   85.53
#
_symmetry.space_group_name_H-M   'P 1'
#
loop_
_entity.id
_entity.type
_entity.pdbx_description
1 polymer 'mutated Pertuzumab Fab heavy chain'
2 polymer 'light chain Clambda'
3 non-polymer GLYCEROL
4 non-polymer 'MAGNESIUM ION'
5 water water
#
loop_
_entity_poly.entity_id
_entity_poly.type
_entity_poly.pdbx_seq_one_letter_code
_entity_poly.pdbx_strand_id
1 'polypeptide(L)'
;EVQLVESGGGLVQPGGSLRLSCAASGFTFTDYTMDWVRKAPGKGLEWVADVNPNSGGSIYNQEFKGRFTLSVDRSKNTLY
LQMNSLRAEDTAVYYCARNLGPSFYFDYWGQGTLVTVSSASTKGPSVFPLAPSSKSTSGGTAALGCLVKDYFPEPVTVSW
NSGALTSGVATGPAVLQSSGLYSLSSVVTVPSSSLGTQTYICNVNHKPSNTKVDKKVEPKSCDKTH
;
A,C
2 'polypeptide(L)'
;RIQMTQSPSSLSASVGDRVTITCKASQDVSIGVAWYQDKPGKAPKLLIYSASYRYTGVPSRFSGSGSGTDFTLTISSLQP
EDFATYYCQQYYIYPYTFGQGTKVEIKGQPKAAPSVTLFPPSSEELQANKATLVCYISDFYPGAVTVAWKADSSPVKAGV
ETTTPSKQSNNKYAAWSYLSLTPEQWKSHRSYSCQVTHEGSTVEKTVAPTEC
;
B,D
#
loop_
_chem_comp.id
_chem_comp.type
_chem_comp.name
_chem_comp.formula
GOL non-polymer GLYCEROL 'C3 H8 O3'
MG non-polymer 'MAGNESIUM ION' 'Mg 2'
#
# COMPACT_ATOMS: atom_id res chain seq x y z
N GLU A 1 11.92 6.64 -38.71
CA GLU A 1 13.19 7.13 -38.12
C GLU A 1 13.95 6.01 -37.41
N VAL A 2 14.85 6.39 -36.51
CA VAL A 2 15.55 5.44 -35.66
C VAL A 2 14.51 4.76 -34.75
N GLN A 3 14.61 3.45 -34.62
CA GLN A 3 13.75 2.69 -33.71
C GLN A 3 14.57 1.71 -32.87
N LEU A 4 14.21 1.63 -31.59
CA LEU A 4 14.81 0.70 -30.65
C LEU A 4 13.66 0.00 -29.93
N VAL A 5 13.58 -1.32 -30.07
CA VAL A 5 12.46 -2.10 -29.50
C VAL A 5 12.95 -3.17 -28.54
N GLU A 6 12.60 -3.03 -27.27
CA GLU A 6 12.99 -4.00 -26.24
C GLU A 6 12.00 -5.16 -26.17
N SER A 7 12.50 -6.32 -25.76
CA SER A 7 11.65 -7.43 -25.34
C SER A 7 12.28 -8.17 -24.18
N GLY A 8 11.48 -8.93 -23.44
CA GLY A 8 12.01 -9.77 -22.37
C GLY A 8 11.57 -9.48 -20.94
N GLY A 9 10.94 -8.34 -20.69
CA GLY A 9 10.58 -7.98 -19.30
C GLY A 9 9.67 -8.95 -18.55
N GLY A 10 9.51 -8.73 -17.25
CA GLY A 10 8.59 -9.53 -16.44
C GLY A 10 9.14 -9.88 -15.08
N LEU A 11 8.63 -10.97 -14.50
CA LEU A 11 8.95 -11.39 -13.15
C LEU A 11 10.13 -12.36 -13.11
N VAL A 12 11.05 -12.09 -12.19
CA VAL A 12 12.20 -12.97 -11.96
C VAL A 12 12.34 -13.13 -10.45
N GLN A 13 12.69 -14.34 -10.03
CA GLN A 13 12.88 -14.62 -8.61
C GLN A 13 14.26 -14.10 -8.16
N PRO A 14 14.41 -13.69 -6.88
CA PRO A 14 15.74 -13.28 -6.38
C PRO A 14 16.79 -14.37 -6.61
N GLY A 15 17.91 -13.96 -7.20
CA GLY A 15 18.98 -14.88 -7.52
C GLY A 15 18.84 -15.42 -8.94
N GLY A 16 17.72 -15.14 -9.56
CA GLY A 16 17.44 -15.65 -10.89
C GLY A 16 18.11 -14.86 -12.00
N SER A 17 17.83 -15.29 -13.22
CA SER A 17 18.43 -14.75 -14.42
C SER A 17 17.34 -14.35 -15.39
N LEU A 18 17.60 -13.32 -16.19
CA LEU A 18 16.69 -12.89 -17.24
C LEU A 18 17.45 -12.25 -18.40
N ARG A 19 17.01 -12.52 -19.62
CA ARG A 19 17.63 -11.95 -20.82
C ARG A 19 16.69 -10.94 -21.46
N LEU A 20 17.18 -9.71 -21.63
CA LEU A 20 16.47 -8.72 -22.40
C LEU A 20 17.13 -8.60 -23.78
N SER A 21 16.35 -8.21 -24.77
CA SER A 21 16.92 -7.86 -26.08
C SER A 21 16.41 -6.53 -26.55
N CYS A 22 17.16 -5.92 -27.47
CA CYS A 22 16.80 -4.66 -28.10
C CYS A 22 17.04 -4.83 -29.60
N ALA A 23 15.99 -4.62 -30.38
CA ALA A 23 16.05 -4.70 -31.83
C ALA A 23 16.16 -3.30 -32.41
N ALA A 24 17.28 -3.02 -33.08
CA ALA A 24 17.56 -1.69 -33.61
C ALA A 24 17.33 -1.62 -35.12
N SER A 25 16.76 -0.50 -35.56
CA SER A 25 16.58 -0.23 -37.00
C SER A 25 16.60 1.28 -37.31
N GLY A 26 17.02 1.62 -38.53
CA GLY A 26 16.97 3.00 -39.02
C GLY A 26 18.30 3.74 -38.94
N PHE A 27 19.37 2.98 -38.71
CA PHE A 27 20.73 3.54 -38.68
C PHE A 27 21.76 2.42 -38.87
N THR A 28 22.99 2.81 -39.17
CA THR A 28 24.10 1.85 -39.24
C THR A 28 24.45 1.43 -37.82
N PHE A 29 24.03 0.21 -37.49
CA PHE A 29 24.19 -0.38 -36.16
C PHE A 29 25.64 -0.33 -35.66
N THR A 30 26.59 -0.54 -36.57
CA THR A 30 28.02 -0.59 -36.22
C THR A 30 28.71 0.78 -36.11
N ASP A 31 27.99 1.84 -36.46
CA ASP A 31 28.50 3.21 -36.35
C ASP A 31 28.39 3.81 -34.94
N TYR A 32 27.66 3.13 -34.07
CA TYR A 32 27.26 3.69 -32.78
C TYR A 32 27.62 2.77 -31.61
N THR A 33 27.55 3.31 -30.40
CA THR A 33 27.66 2.51 -29.20
C THR A 33 26.26 2.30 -28.64
N MET A 34 25.97 1.07 -28.21
CA MET A 34 24.65 0.72 -27.67
C MET A 34 24.72 0.64 -26.16
N ASP A 35 23.65 1.06 -25.49
CA ASP A 35 23.64 1.07 -24.03
C ASP A 35 22.35 0.49 -23.46
N TRP A 36 22.42 0.13 -22.20
CA TRP A 36 21.22 -0.03 -21.36
C TRP A 36 21.28 0.95 -20.23
N VAL A 37 20.13 1.56 -19.93
CA VAL A 37 19.98 2.53 -18.85
C VAL A 37 18.70 2.11 -18.09
N ARG A 38 18.69 2.18 -16.76
CA ARG A 38 17.50 1.77 -16.03
C ARG A 38 16.92 2.87 -15.12
N LYS A 39 15.62 2.76 -14.86
CA LYS A 39 14.93 3.69 -13.99
C LYS A 39 14.15 2.86 -12.96
N ALA A 40 14.66 2.85 -11.74
CA ALA A 40 13.99 2.17 -10.63
C ALA A 40 13.01 3.15 -9.98
N PRO A 41 11.91 2.64 -9.41
CA PRO A 41 10.97 3.51 -8.69
C PRO A 41 11.67 4.29 -7.56
N GLY A 42 11.31 5.56 -7.42
CA GLY A 42 11.88 6.40 -6.36
C GLY A 42 13.30 6.85 -6.65
N LYS A 43 14.09 5.97 -7.25
CA LYS A 43 15.44 6.28 -7.71
C LYS A 43 15.32 6.92 -9.11
N GLY A 44 16.38 7.58 -9.56
CA GLY A 44 16.38 8.26 -10.85
C GLY A 44 16.98 7.34 -11.89
N LEU A 45 17.59 7.91 -12.93
CA LEU A 45 18.18 7.11 -14.00
C LEU A 45 19.58 6.61 -13.66
N GLU A 46 19.87 5.37 -14.06
CA GLU A 46 21.20 4.80 -13.85
C GLU A 46 21.69 4.11 -15.11
N TRP A 47 22.85 4.53 -15.60
CA TRP A 47 23.44 3.84 -16.73
C TRP A 47 23.91 2.46 -16.30
N VAL A 48 23.71 1.47 -17.16
CA VAL A 48 24.00 0.07 -16.77
C VAL A 48 25.27 -0.46 -17.44
N ALA A 49 25.29 -0.37 -18.77
CA ALA A 49 26.35 -0.98 -19.57
C ALA A 49 26.36 -0.39 -20.96
N ASP A 50 27.51 -0.50 -21.62
CA ASP A 50 27.56 -0.18 -23.05
C ASP A 50 28.36 -1.24 -23.80
N VAL A 51 28.07 -1.37 -25.09
CA VAL A 51 28.82 -2.31 -25.93
C VAL A 51 29.14 -1.70 -27.28
N ASN A 52 30.37 -1.98 -27.73
CA ASN A 52 30.82 -1.69 -29.08
C ASN A 52 30.37 -2.84 -29.98
N PRO A 53 29.46 -2.56 -30.92
CA PRO A 53 28.89 -3.61 -31.76
C PRO A 53 29.91 -4.22 -32.73
N ASN A 54 31.05 -3.55 -32.91
CA ASN A 54 32.16 -4.08 -33.71
C ASN A 54 32.97 -5.16 -32.99
N SER A 55 33.66 -4.78 -31.91
CA SER A 55 34.50 -5.72 -31.18
C SER A 55 33.68 -6.64 -30.28
N GLY A 56 32.54 -6.13 -29.80
CA GLY A 56 31.73 -6.84 -28.82
C GLY A 56 32.21 -6.54 -27.41
N GLY A 57 33.20 -5.65 -27.30
CA GLY A 57 33.76 -5.28 -26.01
C GLY A 57 32.74 -4.46 -25.23
N SER A 58 32.66 -4.71 -23.93
CA SER A 58 31.65 -4.10 -23.10
C SER A 58 32.24 -3.45 -21.86
N ILE A 59 31.58 -2.40 -21.38
CA ILE A 59 31.94 -1.76 -20.11
C ILE A 59 30.68 -1.77 -19.26
N TYR A 60 30.82 -2.05 -17.96
CA TYR A 60 29.69 -2.13 -17.02
C TYR A 60 29.80 -1.18 -15.83
N ASN A 61 28.66 -0.69 -15.35
CA ASN A 61 28.66 0.03 -14.08
C ASN A 61 29.05 -0.94 -13.00
N GLN A 62 29.64 -0.42 -11.93
CA GLN A 62 30.24 -1.22 -10.85
C GLN A 62 29.36 -2.37 -10.35
N GLU A 63 28.09 -2.09 -10.07
CA GLU A 63 27.24 -3.08 -9.42
C GLU A 63 26.77 -4.20 -10.38
N PHE A 64 27.18 -4.10 -11.64
CA PHE A 64 26.76 -5.08 -12.65
C PHE A 64 27.91 -5.93 -13.18
N LYS A 65 29.13 -5.67 -12.71
CA LYS A 65 30.28 -6.40 -13.22
C LYS A 65 30.26 -7.84 -12.72
N GLY A 66 30.57 -8.77 -13.63
CA GLY A 66 30.53 -10.20 -13.34
C GLY A 66 29.13 -10.80 -13.25
N ARG A 67 28.14 -9.92 -13.20
CA ARG A 67 26.72 -10.28 -12.99
C ARG A 67 25.94 -10.20 -14.30
N PHE A 68 26.19 -9.15 -15.07
CA PHE A 68 25.51 -8.87 -16.34
C PHE A 68 26.47 -9.09 -17.51
N THR A 69 25.94 -9.55 -18.65
CA THR A 69 26.72 -9.69 -19.87
C THR A 69 25.99 -9.04 -21.03
N LEU A 70 26.67 -8.13 -21.70
CA LEU A 70 26.15 -7.54 -22.91
C LEU A 70 26.70 -8.29 -24.09
N SER A 71 25.85 -8.61 -25.05
CA SER A 71 26.29 -9.21 -26.31
C SER A 71 25.51 -8.60 -27.47
N VAL A 72 26.01 -8.83 -28.69
CA VAL A 72 25.39 -8.32 -29.89
C VAL A 72 25.16 -9.44 -30.91
N ASP A 73 24.15 -9.29 -31.75
CA ASP A 73 24.05 -10.08 -32.98
C ASP A 73 23.99 -9.13 -34.19
N ARG A 74 25.15 -8.95 -34.83
CA ARG A 74 25.29 -8.04 -35.96
C ARG A 74 24.31 -8.31 -37.10
N SER A 75 24.06 -9.60 -37.36
CA SER A 75 23.18 -10.02 -38.46
C SER A 75 21.73 -9.58 -38.30
N LYS A 76 21.20 -9.63 -37.08
CA LYS A 76 19.84 -9.11 -36.84
C LYS A 76 19.75 -7.79 -36.07
N ASN A 77 20.84 -7.02 -36.09
CA ASN A 77 20.92 -5.71 -35.42
C ASN A 77 20.30 -5.74 -34.01
N THR A 78 20.73 -6.71 -33.21
CA THR A 78 20.13 -6.93 -31.90
C THR A 78 21.19 -6.99 -30.80
N LEU A 79 20.87 -6.33 -29.69
CA LEU A 79 21.69 -6.28 -28.50
C LEU A 79 21.02 -7.15 -27.44
N TYR A 80 21.80 -7.91 -26.67
CA TYR A 80 21.27 -8.76 -25.62
C TYR A 80 21.88 -8.45 -24.28
N LEU A 81 21.03 -8.16 -23.28
CA LEU A 81 21.47 -7.99 -21.89
C LEU A 81 21.08 -9.21 -21.07
N GLN A 82 22.08 -10.02 -20.72
CA GLN A 82 21.86 -11.19 -19.87
C GLN A 82 22.12 -10.79 -18.42
N MET A 83 21.09 -10.89 -17.59
CA MET A 83 21.19 -10.48 -16.21
C MET A 83 21.15 -11.70 -15.33
N ASN A 84 22.16 -11.84 -14.49
CA ASN A 84 22.21 -12.94 -13.50
C ASN A 84 22.27 -12.40 -12.08
N SER A 85 22.03 -13.29 -11.10
CA SER A 85 22.09 -12.96 -9.66
C SER A 85 21.30 -11.72 -9.36
N LEU A 86 20.06 -11.67 -9.85
CA LEU A 86 19.22 -10.49 -9.69
C LEU A 86 18.72 -10.33 -8.26
N ARG A 87 18.62 -9.10 -7.79
CA ARG A 87 18.15 -8.80 -6.44
C ARG A 87 16.93 -7.90 -6.49
N ALA A 88 16.17 -7.85 -5.38
CA ALA A 88 14.99 -6.98 -5.36
C ALA A 88 15.32 -5.56 -5.81
N GLU A 89 16.50 -5.08 -5.44
CA GLU A 89 17.00 -3.74 -5.83
C GLU A 89 17.21 -3.53 -7.34
N ASP A 90 17.14 -4.59 -8.14
CA ASP A 90 17.30 -4.47 -9.60
C ASP A 90 15.94 -4.30 -10.32
N THR A 91 14.86 -4.33 -9.55
CA THR A 91 13.53 -4.00 -10.10
C THR A 91 13.57 -2.61 -10.70
N ALA A 92 13.20 -2.49 -11.97
CA ALA A 92 13.37 -1.23 -12.69
C ALA A 92 12.80 -1.34 -14.09
N VAL A 93 12.54 -0.20 -14.71
CA VAL A 93 12.31 -0.18 -16.14
C VAL A 93 13.69 -0.12 -16.81
N TYR A 94 13.94 -1.06 -17.72
CA TYR A 94 15.20 -1.13 -18.48
C TYR A 94 14.99 -0.62 -19.88
N TYR A 95 15.83 0.34 -20.24
CA TYR A 95 15.81 0.97 -21.58
C TYR A 95 17.09 0.66 -22.34
N CYS A 96 16.92 0.35 -23.61
CA CYS A 96 18.09 0.37 -24.47
C CYS A 96 18.18 1.76 -25.06
N ALA A 97 19.39 2.16 -25.39
CA ALA A 97 19.66 3.51 -25.85
C ALA A 97 20.91 3.49 -26.69
N ARG A 98 21.18 4.63 -27.32
CA ARG A 98 22.28 4.81 -28.27
C ARG A 98 23.11 6.06 -27.92
N ASN A 99 24.43 5.96 -28.07
CA ASN A 99 25.34 7.12 -27.96
C ASN A 99 26.43 7.06 -29.02
N LEU A 100 27.09 8.20 -29.25
CA LEU A 100 28.16 8.28 -30.25
C LEU A 100 29.48 8.63 -29.58
N GLY A 101 30.48 7.79 -29.78
CA GLY A 101 31.85 8.06 -29.32
C GLY A 101 31.94 8.13 -27.81
N PRO A 102 32.81 9.01 -27.30
CA PRO A 102 33.01 9.06 -25.86
C PRO A 102 31.99 9.96 -25.14
N SER A 103 30.97 10.43 -25.86
CA SER A 103 29.91 11.23 -25.24
C SER A 103 28.75 10.34 -24.88
N PHE A 104 28.64 9.98 -23.62
CA PHE A 104 27.60 9.02 -23.23
C PHE A 104 26.27 9.68 -22.87
N TYR A 105 25.78 10.52 -23.78
CA TYR A 105 24.40 10.98 -23.69
C TYR A 105 23.58 10.33 -24.78
N PHE A 106 22.27 10.23 -24.54
CA PHE A 106 21.42 9.30 -25.30
C PHE A 106 20.32 10.02 -26.08
N ASP A 107 20.46 10.03 -27.39
CA ASP A 107 19.52 10.76 -28.24
C ASP A 107 18.32 9.90 -28.63
N TYR A 108 18.51 8.59 -28.65
CA TYR A 108 17.42 7.65 -28.92
C TYR A 108 17.31 6.61 -27.81
N TRP A 109 16.07 6.32 -27.44
CA TRP A 109 15.73 5.39 -26.35
C TRP A 109 14.67 4.42 -26.79
N GLY A 110 14.75 3.17 -26.33
CA GLY A 110 13.64 2.25 -26.53
C GLY A 110 12.42 2.60 -25.68
N GLN A 111 11.41 1.73 -25.67
CA GLN A 111 10.18 2.06 -24.95
C GLN A 111 10.25 1.71 -23.47
N GLY A 112 11.24 0.88 -23.12
CA GLY A 112 11.39 0.42 -21.75
C GLY A 112 10.66 -0.89 -21.52
N THR A 113 11.22 -1.71 -20.66
CA THR A 113 10.60 -2.96 -20.23
C THR A 113 10.76 -3.12 -18.72
N LEU A 114 9.68 -3.39 -18.00
CA LEU A 114 9.76 -3.46 -16.55
C LEU A 114 10.14 -4.85 -16.10
N VAL A 115 11.22 -4.93 -15.32
CA VAL A 115 11.70 -6.19 -14.74
C VAL A 115 11.42 -6.11 -13.25
N THR A 116 10.65 -7.05 -12.74
CA THR A 116 10.30 -7.07 -11.32
C THR A 116 10.98 -8.26 -10.68
N VAL A 117 11.78 -8.01 -9.65
CA VAL A 117 12.47 -9.11 -8.96
C VAL A 117 11.74 -9.36 -7.65
N SER A 118 11.11 -10.52 -7.54
CA SER A 118 10.19 -10.81 -6.44
C SER A 118 10.09 -12.31 -6.21
N SER A 119 9.80 -12.68 -4.97
CA SER A 119 9.60 -14.09 -4.60
C SER A 119 8.16 -14.54 -4.82
N ALA A 120 7.25 -13.60 -5.08
CA ALA A 120 5.83 -13.98 -5.33
C ALA A 120 5.61 -14.60 -6.72
N SER A 121 4.47 -15.25 -6.91
CA SER A 121 4.15 -15.92 -8.18
C SER A 121 3.59 -14.89 -9.19
N THR A 122 3.74 -15.16 -10.48
CA THR A 122 2.97 -14.37 -11.44
C THR A 122 1.50 -14.73 -11.26
N LYS A 123 0.61 -13.79 -11.56
CA LYS A 123 -0.82 -14.04 -11.50
C LYS A 123 -1.50 -13.13 -12.52
N GLY A 124 -2.16 -13.73 -13.52
CA GLY A 124 -2.87 -12.93 -14.50
C GLY A 124 -4.14 -12.33 -13.91
N PRO A 125 -4.65 -11.28 -14.56
CA PRO A 125 -5.79 -10.59 -13.97
C PRO A 125 -7.14 -11.27 -14.19
N SER A 126 -8.08 -10.88 -13.34
CA SER A 126 -9.50 -11.17 -13.53
C SER A 126 -10.11 -9.87 -14.02
N VAL A 127 -10.73 -9.90 -15.20
CA VAL A 127 -11.26 -8.70 -15.81
C VAL A 127 -12.78 -8.71 -15.73
N PHE A 128 -13.34 -7.64 -15.17
CA PHE A 128 -14.77 -7.54 -14.97
C PHE A 128 -15.25 -6.29 -15.66
N PRO A 129 -16.43 -6.36 -16.28
CA PRO A 129 -16.97 -5.17 -16.95
C PRO A 129 -17.58 -4.19 -15.95
N LEU A 130 -17.47 -2.90 -16.26
CA LEU A 130 -18.17 -1.85 -15.51
C LEU A 130 -19.24 -1.31 -16.49
N ALA A 131 -20.44 -1.85 -16.33
CA ALA A 131 -21.46 -1.73 -17.34
C ALA A 131 -22.05 -0.33 -17.37
N PRO A 132 -22.24 0.21 -18.57
CA PRO A 132 -22.96 1.47 -18.64
C PRO A 132 -24.44 1.24 -18.34
N SER A 133 -25.11 2.28 -17.85
CA SER A 133 -26.53 2.22 -17.55
C SER A 133 -27.00 3.63 -17.36
N SER A 134 -28.32 3.79 -17.15
CA SER A 134 -28.85 5.10 -16.86
C SER A 134 -28.16 5.71 -15.66
N LYS A 135 -27.74 4.86 -14.72
CA LYS A 135 -27.09 5.31 -13.48
C LYS A 135 -25.66 5.82 -13.69
N SER A 136 -25.03 5.49 -14.81
CA SER A 136 -23.71 6.04 -15.13
C SER A 136 -23.73 6.99 -16.31
N THR A 137 -24.92 7.49 -16.62
CA THR A 137 -25.14 8.43 -17.72
C THR A 137 -25.49 9.81 -17.18
N SER A 138 -24.83 10.83 -17.73
CA SER A 138 -25.02 12.21 -17.30
C SER A 138 -24.99 13.12 -18.52
N GLY A 139 -26.07 13.85 -18.74
CA GLY A 139 -26.10 14.81 -19.86
C GLY A 139 -25.94 14.16 -21.23
N GLY A 140 -26.36 12.90 -21.30
CA GLY A 140 -26.34 12.08 -22.51
C GLY A 140 -25.03 11.35 -22.78
N THR A 141 -24.06 11.46 -21.86
CA THR A 141 -22.77 10.77 -21.96
C THR A 141 -22.77 9.59 -21.01
N ALA A 142 -22.53 8.37 -21.51
CA ALA A 142 -22.54 7.19 -20.64
C ALA A 142 -21.10 6.83 -20.30
N ALA A 143 -20.83 6.49 -19.04
CA ALA A 143 -19.51 5.95 -18.69
C ALA A 143 -19.58 4.44 -18.58
N LEU A 144 -18.59 3.77 -19.15
CA LEU A 144 -18.45 2.32 -19.02
C LEU A 144 -16.98 2.03 -18.81
N GLY A 145 -16.64 0.82 -18.40
CA GLY A 145 -15.24 0.53 -18.19
C GLY A 145 -14.93 -0.92 -17.96
N CYS A 146 -13.68 -1.18 -17.61
CA CYS A 146 -13.30 -2.50 -17.15
C CYS A 146 -12.43 -2.40 -15.93
N LEU A 147 -12.64 -3.38 -15.05
CA LEU A 147 -11.93 -3.50 -13.79
C LEU A 147 -10.99 -4.68 -13.95
N VAL A 148 -9.70 -4.42 -13.79
CA VAL A 148 -8.64 -5.42 -14.03
C VAL A 148 -8.09 -5.76 -12.62
N LYS A 149 -8.56 -6.87 -12.09
CA LYS A 149 -8.36 -7.19 -10.66
C LYS A 149 -7.25 -8.20 -10.43
N ASP A 150 -6.52 -7.95 -9.35
CA ASP A 150 -5.73 -8.99 -8.69
C ASP A 150 -4.66 -9.64 -9.57
N TYR A 151 -3.74 -8.83 -10.08
CA TYR A 151 -2.68 -9.38 -10.90
C TYR A 151 -1.31 -9.05 -10.31
N PHE A 152 -0.29 -9.77 -10.80
CA PHE A 152 1.07 -9.54 -10.37
C PHE A 152 2.02 -10.16 -11.37
N PRO A 153 3.15 -9.49 -11.66
CA PRO A 153 3.55 -8.14 -11.29
C PRO A 153 2.91 -7.12 -12.24
N GLU A 154 3.31 -5.86 -12.09
CA GLU A 154 2.98 -4.88 -13.12
C GLU A 154 3.82 -5.21 -14.35
N PRO A 155 3.45 -4.71 -15.53
CA PRO A 155 2.30 -3.86 -15.81
C PRO A 155 1.20 -4.59 -16.59
N VAL A 156 0.05 -3.95 -16.64
CA VAL A 156 -1.00 -4.27 -17.59
C VAL A 156 -1.21 -3.06 -18.52
N THR A 157 -1.59 -3.35 -19.75
CA THR A 157 -2.03 -2.29 -20.67
C THR A 157 -3.49 -2.54 -21.04
N VAL A 158 -4.21 -1.46 -21.31
CA VAL A 158 -5.61 -1.58 -21.72
C VAL A 158 -5.86 -0.72 -22.96
N SER A 159 -6.49 -1.31 -23.96
CA SER A 159 -6.98 -0.54 -25.09
C SER A 159 -8.46 -0.84 -25.24
N TRP A 160 -9.13 -0.03 -26.06
CA TRP A 160 -10.54 -0.28 -26.35
C TRP A 160 -10.75 -0.52 -27.81
N ASN A 161 -11.57 -1.50 -28.12
CA ASN A 161 -11.92 -1.83 -29.52
C ASN A 161 -10.68 -1.95 -30.40
N SER A 162 -9.69 -2.66 -29.86
CA SER A 162 -8.43 -2.95 -30.56
C SER A 162 -7.70 -1.67 -30.96
N GLY A 163 -7.89 -0.59 -30.20
CA GLY A 163 -7.23 0.69 -30.48
C GLY A 163 -8.01 1.66 -31.33
N ALA A 164 -9.19 1.25 -31.82
CA ALA A 164 -10.05 2.12 -32.62
C ALA A 164 -10.72 3.19 -31.76
N LEU A 165 -10.83 2.92 -30.46
CA LEU A 165 -11.45 3.88 -29.53
C LEU A 165 -10.41 4.46 -28.58
N THR A 166 -10.13 5.75 -28.71
CA THR A 166 -9.09 6.39 -27.89
C THR A 166 -9.56 7.67 -27.18
N SER A 167 -10.49 8.41 -27.78
CA SER A 167 -10.91 9.65 -27.14
C SER A 167 -11.83 9.34 -25.95
N GLY A 168 -11.70 10.11 -24.88
CA GLY A 168 -12.48 9.90 -23.67
C GLY A 168 -12.07 8.70 -22.82
N VAL A 169 -10.92 8.10 -23.12
CA VAL A 169 -10.42 6.95 -22.36
C VAL A 169 -9.52 7.43 -21.24
N ALA A 170 -9.78 6.94 -20.03
CA ALA A 170 -8.92 7.18 -18.88
C ALA A 170 -8.55 5.85 -18.22
N THR A 171 -7.26 5.51 -18.22
CA THR A 171 -6.79 4.24 -17.62
C THR A 171 -5.89 4.61 -16.47
N GLY A 172 -6.27 4.15 -15.28
CA GLY A 172 -5.74 4.69 -14.04
C GLY A 172 -4.48 3.99 -13.66
N PRO A 173 -3.70 4.59 -12.74
CA PRO A 173 -2.60 3.79 -12.25
C PRO A 173 -3.15 2.69 -11.37
N ALA A 174 -2.34 1.65 -11.14
CA ALA A 174 -2.75 0.51 -10.34
C ALA A 174 -2.66 0.86 -8.85
N VAL A 175 -3.47 0.16 -8.06
CA VAL A 175 -3.37 0.24 -6.61
C VAL A 175 -2.73 -1.06 -6.17
N LEU A 176 -1.87 -1.00 -5.16
CA LEU A 176 -1.36 -2.21 -4.55
C LEU A 176 -2.21 -2.56 -3.33
N GLN A 177 -2.82 -3.73 -3.36
CA GLN A 177 -3.73 -4.18 -2.33
C GLN A 177 -3.00 -4.87 -1.19
N SER A 178 -3.69 -5.06 -0.07
CA SER A 178 -3.12 -5.72 1.11
C SER A 178 -2.69 -7.15 0.82
N SER A 179 -3.34 -7.75 -0.19
CA SER A 179 -3.04 -9.09 -0.69
C SER A 179 -1.70 -9.18 -1.43
N GLY A 180 -1.10 -8.03 -1.72
CA GLY A 180 0.12 -7.97 -2.51
C GLY A 180 -0.15 -8.03 -4.00
N LEU A 181 -1.43 -7.97 -4.39
CA LEU A 181 -1.80 -7.95 -5.83
C LEU A 181 -2.24 -6.56 -6.28
N TYR A 182 -2.10 -6.30 -7.57
CA TYR A 182 -2.49 -5.00 -8.13
C TYR A 182 -3.86 -5.07 -8.74
N SER A 183 -4.51 -3.90 -8.81
CA SER A 183 -5.75 -3.72 -9.56
C SER A 183 -5.74 -2.34 -10.22
N LEU A 184 -6.35 -2.27 -11.39
CA LEU A 184 -6.56 -0.96 -12.02
C LEU A 184 -7.86 -0.96 -12.77
N SER A 185 -8.28 0.21 -13.23
CA SER A 185 -9.49 0.25 -14.10
C SER A 185 -9.26 1.17 -15.27
N SER A 186 -10.05 0.98 -16.32
CA SER A 186 -10.12 1.89 -17.44
C SER A 186 -11.57 2.26 -17.63
N VAL A 187 -11.84 3.56 -17.81
CA VAL A 187 -13.18 4.07 -18.01
C VAL A 187 -13.21 4.92 -19.29
N VAL A 188 -14.23 4.75 -20.09
CA VAL A 188 -14.41 5.51 -21.33
C VAL A 188 -15.81 6.12 -21.31
N THR A 189 -15.93 7.35 -21.81
CA THR A 189 -17.25 8.00 -21.88
C THR A 189 -17.65 8.11 -23.35
N VAL A 190 -18.90 7.77 -23.64
CA VAL A 190 -19.41 7.68 -25.00
C VAL A 190 -20.85 8.21 -25.05
N PRO A 191 -21.35 8.57 -26.25
CA PRO A 191 -22.75 9.01 -26.32
C PRO A 191 -23.70 7.88 -25.96
N SER A 192 -24.73 8.19 -25.17
CA SER A 192 -25.72 7.20 -24.78
C SER A 192 -26.32 6.40 -25.95
N SER A 193 -26.63 7.05 -27.08
CA SER A 193 -27.21 6.32 -28.20
C SER A 193 -26.27 5.25 -28.75
N SER A 194 -24.96 5.44 -28.57
CA SER A 194 -23.99 4.46 -29.08
C SER A 194 -24.06 3.14 -28.33
N LEU A 195 -24.72 3.10 -27.18
CA LEU A 195 -24.80 1.85 -26.43
C LEU A 195 -25.58 0.79 -27.19
N GLY A 196 -26.45 1.21 -28.11
CA GLY A 196 -27.25 0.26 -28.88
C GLY A 196 -26.56 -0.08 -30.19
N THR A 197 -25.72 0.81 -30.68
CA THR A 197 -25.19 0.67 -32.04
C THR A 197 -23.75 0.23 -32.12
N GLN A 198 -23.00 0.38 -31.03
CA GLN A 198 -21.55 0.10 -31.03
C GLN A 198 -21.24 -0.94 -29.94
N THR A 199 -20.43 -1.93 -30.29
CA THR A 199 -19.93 -2.88 -29.32
C THR A 199 -18.66 -2.32 -28.66
N TYR A 200 -18.59 -2.47 -27.34
CA TYR A 200 -17.44 -1.98 -26.59
C TYR A 200 -16.70 -3.15 -25.95
N ILE A 201 -15.41 -3.25 -26.28
CA ILE A 201 -14.55 -4.35 -25.79
C ILE A 201 -13.27 -3.76 -25.23
N CYS A 202 -12.93 -4.14 -24.01
CA CYS A 202 -11.65 -3.71 -23.44
C CYS A 202 -10.64 -4.81 -23.66
N ASN A 203 -9.50 -4.42 -24.19
CA ASN A 203 -8.42 -5.35 -24.51
C ASN A 203 -7.34 -5.20 -23.48
N VAL A 204 -7.20 -6.21 -22.62
CA VAL A 204 -6.26 -6.14 -21.51
C VAL A 204 -5.05 -7.04 -21.83
N ASN A 205 -3.84 -6.51 -21.69
CA ASN A 205 -2.63 -7.30 -21.93
C ASN A 205 -1.82 -7.31 -20.65
N HIS A 206 -1.54 -8.51 -20.15
CA HIS A 206 -0.63 -8.70 -19.01
C HIS A 206 0.50 -9.57 -19.46
N LYS A 207 1.49 -8.93 -20.08
CA LYS A 207 2.63 -9.59 -20.66
C LYS A 207 3.41 -10.49 -19.67
N PRO A 208 3.53 -10.08 -18.38
CA PRO A 208 4.26 -10.96 -17.46
C PRO A 208 3.67 -12.35 -17.23
N SER A 209 2.36 -12.54 -17.48
CA SER A 209 1.73 -13.86 -17.38
C SER A 209 1.34 -14.38 -18.75
N ASN A 210 1.78 -13.70 -19.81
CA ASN A 210 1.43 -14.11 -21.18
C ASN A 210 -0.07 -14.22 -21.38
N THR A 211 -0.84 -13.34 -20.75
CA THR A 211 -2.29 -13.36 -20.77
C THR A 211 -2.81 -12.16 -21.51
N LYS A 212 -3.76 -12.39 -22.43
CA LYS A 212 -4.60 -11.31 -22.98
C LYS A 212 -6.07 -11.62 -22.72
N VAL A 213 -6.84 -10.60 -22.34
CA VAL A 213 -8.27 -10.77 -22.13
C VAL A 213 -9.00 -9.70 -22.93
N ASP A 214 -9.96 -10.12 -23.75
CA ASP A 214 -10.85 -9.18 -24.46
C ASP A 214 -12.22 -9.29 -23.84
N LYS A 215 -12.61 -8.31 -23.03
CA LYS A 215 -13.88 -8.39 -22.30
C LYS A 215 -14.93 -7.50 -22.96
N LYS A 216 -16.02 -8.10 -23.43
CA LYS A 216 -17.16 -7.34 -23.95
C LYS A 216 -17.89 -6.65 -22.79
N VAL A 217 -18.12 -5.35 -22.91
CA VAL A 217 -18.80 -4.61 -21.86
C VAL A 217 -20.19 -4.20 -22.36
N GLU A 218 -21.20 -4.87 -21.82
CA GLU A 218 -22.58 -4.74 -22.30
C GLU A 218 -23.38 -3.83 -21.39
N PRO A 219 -24.28 -3.02 -21.98
CA PRO A 219 -25.10 -2.17 -21.13
C PRO A 219 -26.03 -3.03 -20.26
N LYS A 220 -26.42 -2.54 -19.10
CA LYS A 220 -27.32 -3.33 -18.25
C LYS A 220 -28.57 -2.56 -17.83
N ARG B 1 31.82 7.44 -7.44
CA ARG B 1 32.74 8.58 -7.10
C ARG B 1 32.11 9.90 -7.51
N ILE B 2 32.00 10.15 -8.82
CA ILE B 2 31.45 11.42 -9.31
C ILE B 2 29.94 11.56 -9.02
N GLN B 3 29.53 12.74 -8.56
CA GLN B 3 28.14 12.99 -8.23
C GLN B 3 27.57 14.16 -9.03
N MET B 4 26.26 14.11 -9.28
CA MET B 4 25.55 15.20 -9.91
C MET B 4 24.37 15.51 -9.00
N THR B 5 24.46 16.64 -8.29
CA THR B 5 23.49 16.97 -7.26
C THR B 5 22.53 18.01 -7.79
N GLN B 6 21.32 17.54 -8.08
CA GLN B 6 20.32 18.33 -8.76
C GLN B 6 19.35 18.95 -7.76
N SER B 7 18.92 20.17 -8.04
CA SER B 7 18.03 20.90 -7.15
C SER B 7 17.03 21.77 -7.93
N PRO B 8 15.78 21.92 -7.45
CA PRO B 8 15.14 21.36 -6.26
C PRO B 8 14.55 19.98 -6.54
N SER B 9 14.06 19.32 -5.51
CA SER B 9 13.34 18.04 -5.65
C SER B 9 12.09 18.15 -6.57
N SER B 10 11.39 19.25 -6.40
CA SER B 10 10.18 19.53 -7.15
C SER B 10 9.94 21.03 -7.13
N LEU B 11 9.12 21.47 -8.07
CA LEU B 11 8.65 22.84 -8.07
C LEU B 11 7.30 22.90 -8.75
N SER B 12 6.54 23.93 -8.37
CA SER B 12 5.26 24.19 -8.95
C SER B 12 5.27 25.63 -9.43
N ALA B 13 4.89 25.83 -10.68
CA ALA B 13 4.93 27.16 -11.28
C ALA B 13 3.76 27.38 -12.22
N SER B 14 3.42 28.64 -12.45
CA SER B 14 2.30 29.00 -13.32
C SER B 14 2.71 29.02 -14.78
N VAL B 15 1.72 28.86 -15.66
CA VAL B 15 1.92 29.04 -17.09
C VAL B 15 2.49 30.43 -17.33
N GLY B 16 3.57 30.48 -18.12
CA GLY B 16 4.26 31.75 -18.42
C GLY B 16 5.39 32.13 -17.47
N ASP B 17 5.51 31.41 -16.35
CA ASP B 17 6.60 31.63 -15.38
C ASP B 17 7.96 31.20 -15.96
N ARG B 18 9.02 31.85 -15.49
CA ARG B 18 10.40 31.40 -15.76
C ARG B 18 10.83 30.45 -14.64
N VAL B 19 11.19 29.23 -15.01
CA VAL B 19 11.63 28.25 -14.01
C VAL B 19 13.10 27.89 -14.24
N THR B 20 13.83 27.72 -13.14
CA THR B 20 15.24 27.33 -13.23
C THR B 20 15.53 26.10 -12.38
N ILE B 21 16.26 25.16 -12.97
CA ILE B 21 16.67 23.94 -12.29
C ILE B 21 18.20 23.93 -12.32
N THR B 22 18.83 23.58 -11.20
CA THR B 22 20.29 23.57 -11.12
C THR B 22 20.88 22.19 -10.82
N CYS B 23 22.15 22.04 -11.15
CA CYS B 23 22.83 20.77 -10.96
C CYS B 23 24.27 21.13 -10.67
N LYS B 24 24.84 20.51 -9.64
CA LYS B 24 26.24 20.72 -9.31
C LYS B 24 27.01 19.42 -9.47
N ALA B 25 28.02 19.46 -10.34
CA ALA B 25 28.94 18.35 -10.50
C ALA B 25 29.99 18.37 -9.39
N SER B 26 30.40 17.20 -8.88
CA SER B 26 31.38 17.11 -7.80
C SER B 26 32.84 17.32 -8.26
N GLN B 27 33.01 17.49 -9.57
CA GLN B 27 34.32 17.78 -10.17
C GLN B 27 34.06 18.44 -11.50
N ASP B 28 35.09 19.09 -12.06
CA ASP B 28 34.98 19.82 -13.31
C ASP B 28 34.62 18.89 -14.47
N VAL B 29 33.47 19.16 -15.10
CA VAL B 29 33.05 18.36 -16.28
C VAL B 29 32.91 19.21 -17.55
N SER B 30 33.56 20.37 -17.54
CA SER B 30 33.51 21.32 -18.66
C SER B 30 32.07 21.57 -19.10
N ILE B 31 31.75 21.27 -20.35
CA ILE B 31 30.39 21.44 -20.84
C ILE B 31 29.72 20.10 -21.19
N GLY B 32 30.28 19.01 -20.66
CA GLY B 32 29.78 17.67 -20.96
C GLY B 32 28.56 17.34 -20.10
N VAL B 33 27.53 18.15 -20.25
CA VAL B 33 26.29 17.97 -19.47
C VAL B 33 25.10 17.93 -20.42
N ALA B 34 24.16 17.05 -20.11
CA ALA B 34 22.96 16.91 -20.90
C ALA B 34 21.75 17.05 -20.00
N TRP B 35 20.62 17.43 -20.60
CA TRP B 35 19.36 17.47 -19.86
C TRP B 35 18.30 16.70 -20.59
N TYR B 36 17.46 16.00 -19.84
CA TYR B 36 16.39 15.18 -20.40
C TYR B 36 15.04 15.52 -19.76
N GLN B 37 13.97 15.27 -20.50
CA GLN B 37 12.60 15.40 -20.01
C GLN B 37 11.98 14.03 -19.95
N ASP B 38 11.37 13.70 -18.82
CA ASP B 38 10.79 12.38 -18.65
C ASP B 38 9.32 12.51 -18.21
N LYS B 39 8.42 11.97 -19.02
CA LYS B 39 6.99 11.96 -18.72
C LYS B 39 6.52 10.55 -18.39
N PRO B 40 5.53 10.40 -17.48
CA PRO B 40 5.04 9.06 -17.14
C PRO B 40 4.68 8.21 -18.36
N GLY B 41 5.15 6.97 -18.36
CA GLY B 41 4.85 6.03 -19.43
C GLY B 41 5.70 6.15 -20.70
N LYS B 42 6.48 7.23 -20.79
CA LYS B 42 7.30 7.49 -21.99
C LYS B 42 8.78 7.40 -21.63
N ALA B 43 9.62 7.12 -22.61
CA ALA B 43 11.06 7.14 -22.39
C ALA B 43 11.54 8.58 -22.25
N PRO B 44 12.63 8.80 -21.49
CA PRO B 44 13.27 10.11 -21.46
C PRO B 44 13.51 10.67 -22.87
N LYS B 45 13.38 11.99 -23.00
CA LYS B 45 13.64 12.72 -24.26
C LYS B 45 14.81 13.68 -24.04
N LEU B 46 15.81 13.65 -24.93
CA LEU B 46 16.94 14.58 -24.85
C LEU B 46 16.49 15.99 -25.20
N LEU B 47 16.84 16.94 -24.32
CA LEU B 47 16.54 18.33 -24.54
C LEU B 47 17.80 19.11 -24.94
N ILE B 48 18.88 18.90 -24.19
CA ILE B 48 20.11 19.72 -24.27
C ILE B 48 21.34 18.81 -24.18
N TYR B 49 22.37 19.11 -24.97
CA TYR B 49 23.66 18.45 -24.81
C TYR B 49 24.74 19.55 -24.90
N SER B 50 25.98 19.18 -24.63
CA SER B 50 27.08 20.16 -24.57
C SER B 50 26.68 21.42 -23.75
N ALA B 51 25.90 21.16 -22.68
CA ALA B 51 25.46 22.17 -21.69
C ALA B 51 24.44 23.20 -22.16
N SER B 52 24.50 23.62 -23.43
CA SER B 52 23.65 24.71 -23.92
C SER B 52 23.12 24.51 -25.34
N TYR B 53 23.44 23.36 -25.96
CA TYR B 53 22.96 23.07 -27.30
C TYR B 53 21.61 22.36 -27.28
N ARG B 54 20.61 23.02 -27.87
CA ARG B 54 19.27 22.47 -27.97
C ARG B 54 19.20 21.38 -29.05
N TYR B 55 18.63 20.23 -28.70
CA TYR B 55 18.46 19.11 -29.62
C TYR B 55 17.35 19.42 -30.64
N THR B 56 17.38 18.72 -31.77
CA THR B 56 16.38 18.91 -32.85
C THR B 56 14.95 18.83 -32.35
N GLY B 57 14.18 19.89 -32.61
CA GLY B 57 12.75 19.89 -32.31
C GLY B 57 12.36 20.50 -30.99
N VAL B 58 13.35 20.68 -30.11
CA VAL B 58 13.12 21.21 -28.76
C VAL B 58 12.80 22.71 -28.84
N PRO B 59 11.67 23.15 -28.24
CA PRO B 59 11.25 24.56 -28.25
C PRO B 59 12.30 25.48 -27.64
N SER B 60 12.37 26.72 -28.12
CA SER B 60 13.41 27.65 -27.66
C SER B 60 13.20 28.19 -26.25
N ARG B 61 12.04 27.92 -25.65
CA ARG B 61 11.82 28.27 -24.24
C ARG B 61 12.74 27.47 -23.30
N PHE B 62 13.27 26.34 -23.79
CA PHE B 62 14.28 25.58 -23.06
C PHE B 62 15.69 26.09 -23.37
N SER B 63 16.45 26.38 -22.32
CA SER B 63 17.86 26.72 -22.53
C SER B 63 18.71 26.21 -21.38
N GLY B 64 19.95 25.84 -21.69
CA GLY B 64 20.87 25.37 -20.67
C GLY B 64 22.09 26.25 -20.60
N SER B 65 22.72 26.31 -19.42
CA SER B 65 23.94 27.10 -19.25
C SER B 65 24.85 26.48 -18.20
N GLY B 66 26.07 27.01 -18.10
CA GLY B 66 27.05 26.55 -17.14
C GLY B 66 28.20 25.80 -17.78
N SER B 67 29.30 25.72 -17.03
CA SER B 67 30.50 24.96 -17.41
C SER B 67 31.40 24.82 -16.20
N GLY B 68 31.98 23.65 -16.04
CA GLY B 68 32.78 23.37 -14.88
C GLY B 68 31.96 22.51 -13.95
N THR B 69 31.36 23.13 -12.94
CA THR B 69 30.64 22.40 -11.91
C THR B 69 29.18 22.81 -11.76
N ASP B 70 28.84 24.03 -12.16
CA ASP B 70 27.50 24.57 -11.93
C ASP B 70 26.70 24.70 -13.22
N PHE B 71 25.56 23.99 -13.28
CA PHE B 71 24.75 23.93 -14.50
C PHE B 71 23.30 24.29 -14.19
N THR B 72 22.64 24.91 -15.17
CA THR B 72 21.28 25.39 -15.02
C THR B 72 20.44 25.06 -16.25
N LEU B 73 19.23 24.55 -16.00
CA LEU B 73 18.21 24.42 -17.03
C LEU B 73 17.14 25.47 -16.78
N THR B 74 16.92 26.32 -17.78
CA THR B 74 15.91 27.37 -17.70
C THR B 74 14.78 27.13 -18.69
N ILE B 75 13.54 27.22 -18.20
CA ILE B 75 12.38 27.25 -19.06
C ILE B 75 11.85 28.69 -18.96
N SER B 76 11.92 29.43 -20.06
CA SER B 76 11.64 30.87 -20.02
C SER B 76 10.17 31.19 -19.83
N SER B 77 9.30 30.37 -20.40
CA SER B 77 7.86 30.62 -20.34
C SER B 77 7.13 29.28 -20.25
N LEU B 78 6.86 28.88 -19.00
CA LEU B 78 6.38 27.54 -18.71
C LEU B 78 5.05 27.27 -19.41
N GLN B 79 4.97 26.14 -20.09
CA GLN B 79 3.77 25.74 -20.82
C GLN B 79 3.16 24.50 -20.17
N PRO B 80 1.84 24.28 -20.36
CA PRO B 80 1.21 23.11 -19.74
C PRO B 80 1.86 21.78 -20.11
N GLU B 81 2.32 21.64 -21.34
CA GLU B 81 2.96 20.42 -21.82
C GLU B 81 4.35 20.19 -21.21
N ASP B 82 4.84 21.15 -20.43
CA ASP B 82 6.16 21.03 -19.75
C ASP B 82 6.13 20.26 -18.42
N PHE B 83 4.93 19.88 -17.98
CA PHE B 83 4.68 19.02 -16.80
C PHE B 83 5.42 17.70 -17.04
N ALA B 84 6.44 17.44 -16.21
CA ALA B 84 7.42 16.34 -16.41
C ALA B 84 8.47 16.36 -15.30
N THR B 85 9.33 15.33 -15.31
CA THR B 85 10.50 15.29 -14.45
C THR B 85 11.72 15.53 -15.35
N TYR B 86 12.58 16.43 -14.92
CA TYR B 86 13.78 16.78 -15.69
C TYR B 86 15.01 16.21 -15.01
N TYR B 87 15.96 15.73 -15.80
CA TYR B 87 17.19 15.14 -15.28
C TYR B 87 18.39 15.82 -15.94
N CYS B 88 19.39 16.16 -15.12
CA CYS B 88 20.73 16.51 -15.65
C CYS B 88 21.55 15.21 -15.73
N GLN B 89 22.59 15.23 -16.54
CA GLN B 89 23.49 14.10 -16.65
C GLN B 89 24.86 14.64 -17.04
N GLN B 90 25.91 14.11 -16.44
CA GLN B 90 27.26 14.37 -16.99
C GLN B 90 27.68 13.12 -17.76
N TYR B 91 28.23 13.30 -18.96
CA TYR B 91 28.35 12.16 -19.86
C TYR B 91 29.77 11.79 -20.32
N TYR B 92 30.77 12.46 -19.77
CA TYR B 92 32.15 12.11 -20.11
C TYR B 92 32.86 11.20 -19.13
N ILE B 93 32.47 11.27 -17.87
CA ILE B 93 33.19 10.55 -16.84
C ILE B 93 32.33 9.38 -16.36
N TYR B 94 32.87 8.18 -16.48
CA TYR B 94 32.20 6.97 -16.04
C TYR B 94 31.85 7.14 -14.57
N PRO B 95 30.65 6.70 -14.15
CA PRO B 95 29.59 5.99 -14.88
C PRO B 95 28.46 6.87 -15.43
N TYR B 96 28.80 8.08 -15.90
CA TYR B 96 27.88 8.93 -16.66
C TYR B 96 26.62 9.26 -15.88
N THR B 97 26.88 9.67 -14.64
CA THR B 97 25.90 9.99 -13.60
C THR B 97 24.80 10.93 -14.04
N PHE B 98 23.57 10.52 -13.76
CA PHE B 98 22.41 11.39 -13.87
C PHE B 98 22.12 12.02 -12.53
N GLY B 99 21.53 13.23 -12.54
CA GLY B 99 20.99 13.82 -11.29
C GLY B 99 19.77 13.05 -10.84
N GLN B 100 19.26 13.38 -9.66
CA GLN B 100 18.15 12.65 -9.07
C GLN B 100 16.78 13.05 -9.64
N GLY B 101 16.75 14.14 -10.42
CA GLY B 101 15.49 14.59 -11.02
C GLY B 101 14.82 15.73 -10.29
N THR B 102 14.09 16.53 -11.07
CA THR B 102 13.28 17.62 -10.55
C THR B 102 11.88 17.48 -11.14
N LYS B 103 10.88 17.33 -10.27
CA LYS B 103 9.50 17.22 -10.77
C LYS B 103 8.89 18.61 -10.94
N VAL B 104 8.43 18.92 -12.15
CA VAL B 104 7.80 20.20 -12.44
C VAL B 104 6.30 20.03 -12.58
N GLU B 105 5.56 20.75 -11.74
CA GLU B 105 4.09 20.72 -11.78
C GLU B 105 3.58 22.10 -12.14
N ILE B 106 2.40 22.16 -12.72
CA ILE B 106 1.80 23.43 -13.11
C ILE B 106 0.71 23.87 -12.13
N LYS B 107 0.86 25.06 -11.56
CA LYS B 107 -0.19 25.63 -10.70
C LYS B 107 -0.93 26.73 -11.44
N GLY B 108 -1.99 27.23 -10.82
CA GLY B 108 -2.70 28.40 -11.35
C GLY B 108 -3.59 28.19 -12.57
N GLN B 109 -3.74 26.95 -13.03
CA GLN B 109 -4.63 26.63 -14.15
C GLN B 109 -6.11 26.73 -13.71
N PRO B 110 -7.06 26.78 -14.66
CA PRO B 110 -8.45 27.00 -14.21
C PRO B 110 -8.96 25.90 -13.27
N LYS B 111 -9.59 26.29 -12.18
CA LYS B 111 -10.12 25.33 -11.22
C LYS B 111 -11.35 24.64 -11.80
N ALA B 112 -11.50 23.36 -11.45
CA ALA B 112 -12.66 22.60 -11.84
C ALA B 112 -13.01 21.59 -10.75
N ALA B 113 -14.28 21.55 -10.37
CA ALA B 113 -14.79 20.59 -9.39
C ALA B 113 -14.86 19.20 -10.01
N PRO B 114 -14.68 18.13 -9.21
CA PRO B 114 -14.70 16.82 -9.84
C PRO B 114 -16.06 16.33 -10.29
N SER B 115 -16.06 15.53 -11.34
CA SER B 115 -17.18 14.65 -11.68
C SER B 115 -16.92 13.34 -10.95
N VAL B 116 -17.98 12.67 -10.53
CA VAL B 116 -17.86 11.41 -9.78
C VAL B 116 -18.79 10.38 -10.41
N THR B 117 -18.22 9.27 -10.87
CA THR B 117 -19.02 8.15 -11.39
C THR B 117 -18.76 6.94 -10.50
N LEU B 118 -19.81 6.35 -9.99
CA LEU B 118 -19.70 5.23 -9.05
C LEU B 118 -20.31 3.97 -9.68
N PHE B 119 -19.48 2.96 -9.88
CA PHE B 119 -19.96 1.71 -10.46
C PHE B 119 -20.17 0.68 -9.36
N PRO B 120 -21.29 -0.04 -9.40
CA PRO B 120 -21.57 -1.11 -8.47
C PRO B 120 -20.75 -2.34 -8.89
N PRO B 121 -20.74 -3.39 -8.05
CA PRO B 121 -20.09 -4.66 -8.42
C PRO B 121 -20.79 -5.21 -9.66
N SER B 122 -20.02 -5.71 -10.61
CA SER B 122 -20.59 -6.44 -11.75
C SER B 122 -21.26 -7.73 -11.31
N SER B 123 -22.25 -8.16 -12.09
CA SER B 123 -22.86 -9.47 -11.84
C SER B 123 -21.81 -10.61 -11.93
N GLU B 124 -20.87 -10.50 -12.86
CA GLU B 124 -19.79 -11.49 -12.99
C GLU B 124 -19.00 -11.56 -11.69
N GLU B 125 -18.66 -10.41 -11.11
CA GLU B 125 -17.82 -10.46 -9.93
C GLU B 125 -18.60 -11.05 -8.75
N LEU B 126 -19.87 -10.68 -8.62
CA LEU B 126 -20.71 -11.16 -7.53
C LEU B 126 -20.83 -12.69 -7.63
N GLN B 127 -20.87 -13.19 -8.85
CA GLN B 127 -20.98 -14.63 -9.08
C GLN B 127 -19.68 -15.38 -8.76
N ALA B 128 -18.58 -14.64 -8.78
CA ALA B 128 -17.27 -15.13 -8.34
C ALA B 128 -17.04 -14.87 -6.85
N ASN B 129 -18.13 -14.59 -6.11
CA ASN B 129 -18.10 -14.37 -4.67
C ASN B 129 -17.26 -13.18 -4.19
N LYS B 130 -17.19 -12.15 -5.01
CA LYS B 130 -16.44 -10.96 -4.67
C LYS B 130 -17.28 -9.73 -5.03
N ALA B 131 -16.91 -8.57 -4.49
CA ALA B 131 -17.61 -7.32 -4.83
C ALA B 131 -16.64 -6.16 -4.68
N THR B 132 -16.61 -5.31 -5.68
CA THR B 132 -15.79 -4.12 -5.63
C THR B 132 -16.62 -2.98 -6.17
N LEU B 133 -16.72 -1.90 -5.41
CA LEU B 133 -17.28 -0.65 -5.96
C LEU B 133 -16.15 0.20 -6.52
N VAL B 134 -16.36 0.81 -7.68
CA VAL B 134 -15.33 1.63 -8.35
C VAL B 134 -15.81 3.06 -8.46
N CYS B 135 -15.10 3.95 -7.77
CA CYS B 135 -15.41 5.37 -7.83
C CYS B 135 -14.38 6.05 -8.74
N TYR B 136 -14.85 6.52 -9.91
CA TYR B 136 -14.05 7.19 -10.92
C TYR B 136 -14.24 8.72 -10.81
N ILE B 137 -13.14 9.42 -10.53
CA ILE B 137 -13.17 10.84 -10.19
C ILE B 137 -12.45 11.54 -11.32
N SER B 138 -13.10 12.49 -11.99
CA SER B 138 -12.52 13.03 -13.23
C SER B 138 -12.69 14.54 -13.38
N ASP B 139 -11.89 15.09 -14.30
CA ASP B 139 -12.06 16.47 -14.79
C ASP B 139 -11.91 17.52 -13.69
N PHE B 140 -11.01 17.26 -12.75
CA PHE B 140 -10.76 18.20 -11.63
C PHE B 140 -9.40 18.87 -11.67
N TYR B 141 -9.35 20.08 -11.11
CA TYR B 141 -8.11 20.80 -10.96
C TYR B 141 -8.27 21.76 -9.77
N PRO B 142 -7.27 21.87 -8.88
CA PRO B 142 -5.95 21.20 -8.86
C PRO B 142 -6.08 19.73 -8.49
N GLY B 143 -4.95 19.04 -8.51
CA GLY B 143 -4.95 17.58 -8.41
C GLY B 143 -4.72 17.05 -7.02
N ALA B 144 -5.57 17.48 -6.10
CA ALA B 144 -5.62 16.91 -4.75
C ALA B 144 -7.08 16.73 -4.39
N VAL B 145 -7.43 15.51 -3.95
CA VAL B 145 -8.76 15.23 -3.42
C VAL B 145 -8.65 14.27 -2.24
N THR B 146 -9.66 14.23 -1.40
CA THR B 146 -9.77 13.16 -0.42
C THR B 146 -11.09 12.43 -0.64
N VAL B 147 -11.08 11.12 -0.40
CA VAL B 147 -12.25 10.27 -0.65
C VAL B 147 -12.74 9.62 0.65
N ALA B 148 -14.03 9.66 0.87
CA ALA B 148 -14.63 8.97 2.01
C ALA B 148 -15.75 8.09 1.49
N TRP B 149 -15.86 6.91 2.07
CA TRP B 149 -16.93 6.00 1.70
C TRP B 149 -17.94 5.85 2.79
N LYS B 150 -19.19 5.58 2.41
CA LYS B 150 -20.27 5.36 3.37
C LYS B 150 -21.06 4.12 3.01
N ALA B 151 -21.45 3.37 4.04
CA ALA B 151 -22.40 2.27 3.93
C ALA B 151 -23.65 2.81 4.58
N ASP B 152 -24.72 2.95 3.80
CA ASP B 152 -25.90 3.75 4.17
C ASP B 152 -25.44 5.18 4.53
N SER B 153 -25.68 5.59 5.78
CA SER B 153 -25.32 6.95 6.21
C SER B 153 -24.00 7.04 6.96
N SER B 154 -23.36 5.91 7.21
CA SER B 154 -22.20 5.88 8.12
C SER B 154 -20.84 5.54 7.46
N PRO B 155 -19.75 6.11 7.99
CA PRO B 155 -18.42 5.90 7.42
C PRO B 155 -18.00 4.44 7.38
N VAL B 156 -17.38 4.05 6.28
CA VAL B 156 -16.72 2.74 6.19
C VAL B 156 -15.27 2.97 5.75
N LYS B 157 -14.32 2.49 6.53
CA LYS B 157 -12.90 2.72 6.18
C LYS B 157 -12.16 1.43 5.79
N ALA B 158 -12.70 0.29 6.21
CA ALA B 158 -12.11 -0.99 5.85
C ALA B 158 -12.32 -1.22 4.36
N GLY B 159 -11.33 -1.81 3.71
CA GLY B 159 -11.42 -2.24 2.30
C GLY B 159 -11.26 -1.16 1.25
N VAL B 160 -10.72 -0.01 1.63
CA VAL B 160 -10.60 1.12 0.70
C VAL B 160 -9.19 1.24 0.16
N GLU B 161 -9.05 1.47 -1.15
CA GLU B 161 -7.77 1.81 -1.79
C GLU B 161 -8.02 2.96 -2.77
N THR B 162 -7.16 3.99 -2.76
CA THR B 162 -7.33 5.17 -3.59
C THR B 162 -6.02 5.48 -4.31
N THR B 163 -6.09 5.83 -5.59
CA THR B 163 -4.90 6.23 -6.34
C THR B 163 -4.49 7.67 -6.01
N THR B 164 -3.23 8.00 -6.29
CA THR B 164 -2.78 9.38 -6.29
C THR B 164 -3.24 9.99 -7.61
N PRO B 165 -3.80 11.22 -7.60
CA PRO B 165 -4.35 11.83 -8.82
C PRO B 165 -3.34 11.91 -9.96
N SER B 166 -3.77 11.55 -11.15
CA SER B 166 -2.93 11.56 -12.34
C SER B 166 -3.44 12.56 -13.35
N LYS B 167 -2.52 13.32 -13.95
CA LYS B 167 -2.91 14.33 -14.90
C LYS B 167 -3.28 13.68 -16.23
N GLN B 168 -4.46 13.99 -16.72
CA GLN B 168 -5.02 13.33 -17.92
C GLN B 168 -4.83 14.16 -19.18
N SER B 169 -4.61 15.46 -18.98
CA SER B 169 -4.51 16.40 -20.07
C SER B 169 -3.73 17.57 -19.52
N ASN B 170 -3.42 18.53 -20.38
CA ASN B 170 -2.65 19.69 -19.98
C ASN B 170 -3.30 20.45 -18.81
N ASN B 171 -4.55 20.09 -18.49
CA ASN B 171 -5.35 20.88 -17.56
C ASN B 171 -6.14 20.12 -16.47
N LYS B 172 -6.38 18.81 -16.61
CA LYS B 172 -7.24 18.12 -15.61
C LYS B 172 -6.65 16.83 -15.05
N TYR B 173 -7.14 16.46 -13.86
CA TYR B 173 -6.72 15.23 -13.20
C TYR B 173 -7.85 14.20 -13.10
N ALA B 174 -7.46 12.94 -12.91
CA ALA B 174 -8.39 11.89 -12.57
C ALA B 174 -7.83 11.12 -11.39
N ALA B 175 -8.72 10.41 -10.71
CA ALA B 175 -8.34 9.52 -9.61
C ALA B 175 -9.37 8.40 -9.47
N TRP B 176 -8.96 7.31 -8.84
CA TRP B 176 -9.83 6.17 -8.62
C TRP B 176 -9.82 5.79 -7.17
N SER B 177 -10.99 5.42 -6.64
CA SER B 177 -11.05 4.80 -5.33
C SER B 177 -11.88 3.49 -5.42
N TYR B 178 -11.43 2.47 -4.69
CA TYR B 178 -12.06 1.17 -4.71
C TYR B 178 -12.51 0.78 -3.30
N LEU B 179 -13.72 0.26 -3.18
CA LEU B 179 -14.22 -0.30 -1.93
C LEU B 179 -14.45 -1.79 -2.12
N SER B 180 -13.73 -2.62 -1.36
CA SER B 180 -13.91 -4.07 -1.41
C SER B 180 -14.93 -4.50 -0.35
N LEU B 181 -15.94 -5.26 -0.78
CA LEU B 181 -17.00 -5.76 0.10
C LEU B 181 -17.23 -7.24 -0.19
N THR B 182 -17.93 -7.93 0.72
CA THR B 182 -18.46 -9.25 0.38
C THR B 182 -19.78 -9.05 -0.37
N PRO B 183 -20.20 -10.05 -1.18
CA PRO B 183 -21.52 -9.90 -1.80
C PRO B 183 -22.64 -9.72 -0.78
N GLU B 184 -22.54 -10.39 0.37
CA GLU B 184 -23.54 -10.24 1.45
C GLU B 184 -23.62 -8.80 1.99
N GLN B 185 -22.46 -8.17 2.24
CA GLN B 185 -22.41 -6.77 2.71
C GLN B 185 -23.06 -5.85 1.67
N TRP B 186 -22.72 -6.08 0.40
CA TRP B 186 -23.29 -5.28 -0.69
C TRP B 186 -24.80 -5.37 -0.69
N LYS B 187 -25.33 -6.60 -0.63
CA LYS B 187 -26.77 -6.83 -0.76
C LYS B 187 -27.57 -6.41 0.47
N SER B 188 -26.91 -6.28 1.61
CA SER B 188 -27.61 -6.09 2.88
C SER B 188 -27.82 -4.62 3.28
N HIS B 189 -27.18 -3.72 2.55
CA HIS B 189 -27.36 -2.28 2.80
C HIS B 189 -28.27 -1.67 1.78
N ARG B 190 -28.90 -0.55 2.15
CA ARG B 190 -29.76 0.20 1.25
C ARG B 190 -28.94 0.84 0.14
N SER B 191 -27.76 1.34 0.49
CA SER B 191 -26.88 1.99 -0.49
C SER B 191 -25.46 2.12 0.02
N TYR B 192 -24.56 2.46 -0.89
CA TYR B 192 -23.20 2.87 -0.58
C TYR B 192 -22.91 4.17 -1.32
N SER B 193 -22.04 5.01 -0.74
CA SER B 193 -21.68 6.26 -1.37
C SER B 193 -20.18 6.50 -1.36
N CYS B 194 -19.72 7.19 -2.41
CA CYS B 194 -18.36 7.71 -2.49
C CYS B 194 -18.44 9.23 -2.47
N GLN B 195 -17.78 9.84 -1.48
CA GLN B 195 -17.83 11.28 -1.26
C GLN B 195 -16.44 11.81 -1.52
N VAL B 196 -16.33 12.75 -2.45
CA VAL B 196 -15.06 13.30 -2.87
C VAL B 196 -14.96 14.75 -2.39
N THR B 197 -13.91 15.06 -1.62
CA THR B 197 -13.69 16.43 -1.17
C THR B 197 -12.59 17.06 -2.02
N HIS B 198 -12.88 18.23 -2.54
CA HIS B 198 -11.95 18.93 -3.40
C HIS B 198 -12.06 20.39 -3.04
N GLU B 199 -10.94 20.96 -2.56
CA GLU B 199 -10.89 22.37 -2.10
C GLU B 199 -12.06 22.75 -1.20
N GLY B 200 -12.28 21.92 -0.20
CA GLY B 200 -13.23 22.19 0.85
C GLY B 200 -14.69 21.92 0.53
N SER B 201 -14.99 21.51 -0.71
CA SER B 201 -16.38 21.21 -1.10
C SER B 201 -16.49 19.78 -1.57
N THR B 202 -17.68 19.18 -1.46
CA THR B 202 -17.79 17.75 -1.70
C THR B 202 -18.78 17.44 -2.80
N VAL B 203 -18.50 16.37 -3.54
CA VAL B 203 -19.43 15.76 -4.49
C VAL B 203 -19.54 14.30 -4.09
N GLU B 204 -20.79 13.86 -3.86
CA GLU B 204 -21.06 12.51 -3.39
C GLU B 204 -22.02 11.82 -4.35
N LYS B 205 -21.67 10.59 -4.72
CA LYS B 205 -22.52 9.76 -5.54
C LYS B 205 -22.90 8.52 -4.76
N THR B 206 -24.12 8.03 -5.01
CA THR B 206 -24.69 6.89 -4.29
C THR B 206 -25.13 5.80 -5.25
N VAL B 207 -24.88 4.55 -4.89
CA VAL B 207 -25.37 3.39 -5.67
C VAL B 207 -26.15 2.43 -4.77
N ALA B 208 -27.03 1.63 -5.35
CA ALA B 208 -27.85 0.67 -4.59
C ALA B 208 -27.97 -0.65 -5.36
N PRO B 209 -28.04 -1.78 -4.65
CA PRO B 209 -28.10 -3.09 -5.31
C PRO B 209 -29.27 -3.25 -6.27
N GLU C 1 -6.18 -18.35 36.24
CA GLU C 1 -7.26 -17.99 35.28
C GLU C 1 -7.44 -19.07 34.20
N VAL C 2 -8.62 -19.09 33.58
CA VAL C 2 -8.88 -19.93 32.41
C VAL C 2 -8.01 -19.41 31.26
N GLN C 3 -7.29 -20.31 30.60
CA GLN C 3 -6.39 -19.91 29.51
C GLN C 3 -6.45 -20.80 28.26
N LEU C 4 -6.43 -20.16 27.09
CA LEU C 4 -6.37 -20.83 25.79
C LEU C 4 -5.20 -20.21 25.01
N VAL C 5 -4.23 -21.04 24.63
CA VAL C 5 -3.02 -20.54 23.97
C VAL C 5 -2.84 -21.17 22.57
N GLU C 6 -2.92 -20.35 21.53
CA GLU C 6 -2.76 -20.82 20.15
C GLU C 6 -1.31 -20.91 19.78
N SER C 7 -0.99 -21.87 18.91
CA SER C 7 0.30 -21.88 18.23
C SER C 7 0.16 -22.38 16.79
N GLY C 8 1.15 -22.05 15.95
CA GLY C 8 1.20 -22.58 14.60
C GLY C 8 1.02 -21.61 13.45
N GLY C 9 0.69 -20.36 13.75
CA GLY C 9 0.47 -19.38 12.70
C GLY C 9 1.71 -19.09 11.87
N GLY C 10 1.50 -18.47 10.71
CA GLY C 10 2.57 -18.05 9.83
C GLY C 10 2.15 -18.15 8.39
N LEU C 11 3.15 -18.28 7.52
CA LEU C 11 2.95 -18.27 6.09
C LEU C 11 2.71 -19.67 5.55
N VAL C 12 1.71 -19.78 4.69
CA VAL C 12 1.44 -20.99 3.94
C VAL C 12 1.16 -20.62 2.48
N GLN C 13 1.67 -21.44 1.57
CA GLN C 13 1.44 -21.26 0.13
C GLN C 13 0.02 -21.65 -0.26
N PRO C 14 -0.58 -20.96 -1.26
CA PRO C 14 -1.89 -21.39 -1.75
C PRO C 14 -1.89 -22.89 -2.10
N GLY C 15 -2.92 -23.60 -1.63
CA GLY C 15 -3.06 -25.04 -1.83
C GLY C 15 -2.35 -25.85 -0.77
N GLY C 16 -1.60 -25.17 0.07
CA GLY C 16 -0.84 -25.80 1.13
C GLY C 16 -1.65 -26.14 2.37
N SER C 17 -0.95 -26.71 3.34
CA SER C 17 -1.54 -27.19 4.59
C SER C 17 -0.83 -26.59 5.79
N LEU C 18 -1.58 -26.42 6.87
CA LEU C 18 -1.03 -25.88 8.11
C LEU C 18 -1.84 -26.43 9.29
N ARG C 19 -1.13 -26.84 10.35
CA ARG C 19 -1.77 -27.28 11.59
C ARG C 19 -1.64 -26.23 12.68
N LEU C 20 -2.79 -25.85 13.27
CA LEU C 20 -2.81 -24.97 14.43
C LEU C 20 -3.10 -25.78 15.70
N SER C 21 -2.55 -25.33 16.83
CA SER C 21 -2.80 -25.92 18.14
C SER C 21 -3.45 -24.91 19.07
N CYS C 22 -4.28 -25.42 19.98
CA CYS C 22 -4.80 -24.64 21.09
C CYS C 22 -4.62 -25.48 22.34
N ALA C 23 -3.85 -24.94 23.29
CA ALA C 23 -3.58 -25.58 24.57
C ALA C 23 -4.44 -24.94 25.64
N ALA C 24 -5.25 -25.74 26.30
CA ALA C 24 -6.20 -25.25 27.29
C ALA C 24 -5.72 -25.57 28.70
N SER C 25 -5.84 -24.58 29.59
CA SER C 25 -5.44 -24.75 30.99
C SER C 25 -6.35 -23.94 31.92
N GLY C 26 -6.36 -24.31 33.19
CA GLY C 26 -7.17 -23.62 34.19
C GLY C 26 -8.66 -23.97 34.18
N PHE C 27 -9.02 -25.05 33.51
CA PHE C 27 -10.39 -25.57 33.55
C PHE C 27 -10.48 -27.01 33.04
N THR C 28 -11.66 -27.61 33.14
CA THR C 28 -11.86 -29.00 32.76
C THR C 28 -12.26 -29.11 31.28
N PHE C 29 -11.23 -29.34 30.47
CA PHE C 29 -11.31 -29.49 29.01
C PHE C 29 -12.58 -30.16 28.48
N THR C 30 -12.89 -31.34 29.01
CA THR C 30 -13.98 -32.17 28.49
C THR C 30 -15.39 -31.75 28.94
N ASP C 31 -15.47 -30.71 29.77
CA ASP C 31 -16.77 -30.13 30.12
C ASP C 31 -17.36 -29.27 29.01
N TYR C 32 -16.51 -28.90 28.04
CA TYR C 32 -16.90 -27.90 27.05
C TYR C 32 -16.87 -28.42 25.63
N THR C 33 -17.52 -27.69 24.74
CA THR C 33 -17.29 -27.80 23.31
C THR C 33 -16.22 -26.77 22.96
N MET C 34 -15.22 -27.19 22.17
CA MET C 34 -14.11 -26.32 21.77
C MET C 34 -14.30 -25.87 20.33
N ASP C 35 -14.02 -24.59 20.05
CA ASP C 35 -14.26 -24.04 18.72
C ASP C 35 -13.05 -23.33 18.13
N TRP C 36 -13.09 -23.15 16.82
CA TRP C 36 -12.24 -22.15 16.17
C TRP C 36 -13.12 -21.13 15.53
N VAL C 37 -12.70 -19.87 15.65
CA VAL C 37 -13.40 -18.73 15.06
C VAL C 37 -12.30 -17.89 14.37
N ARG C 38 -12.55 -17.36 13.18
CA ARG C 38 -11.54 -16.53 12.53
C ARG C 38 -12.00 -15.12 12.21
N LYS C 39 -11.02 -14.23 12.09
CA LYS C 39 -11.26 -12.84 11.74
C LYS C 39 -10.34 -12.49 10.54
N ALA C 40 -10.92 -12.45 9.35
CA ALA C 40 -10.20 -12.07 8.14
C ALA C 40 -10.09 -10.55 8.07
N PRO C 41 -8.97 -10.04 7.50
CA PRO C 41 -8.65 -8.61 7.42
C PRO C 41 -9.80 -7.67 7.05
N GLY C 42 -10.71 -8.11 6.18
CA GLY C 42 -11.80 -7.24 5.73
C GLY C 42 -13.20 -7.60 6.21
N LYS C 43 -13.34 -8.75 6.85
CA LYS C 43 -14.65 -9.30 7.18
C LYS C 43 -14.81 -9.42 8.70
N GLY C 44 -16.05 -9.61 9.13
CA GLY C 44 -16.34 -9.76 10.54
C GLY C 44 -15.97 -11.18 10.96
N LEU C 45 -16.31 -11.53 12.18
CA LEU C 45 -15.98 -12.83 12.74
C LEU C 45 -16.73 -13.97 12.05
N GLU C 46 -16.06 -15.12 11.90
CA GLU C 46 -16.65 -16.28 11.27
C GLU C 46 -16.33 -17.54 12.05
N TRP C 47 -17.38 -18.22 12.51
CA TRP C 47 -17.18 -19.49 13.17
C TRP C 47 -16.69 -20.52 12.17
N VAL C 48 -15.70 -21.30 12.57
CA VAL C 48 -15.04 -22.24 11.63
C VAL C 48 -15.51 -23.68 11.86
N ALA C 49 -15.36 -24.15 13.10
CA ALA C 49 -15.61 -25.54 13.48
C ALA C 49 -15.71 -25.73 14.98
N ASP C 50 -16.36 -26.81 15.42
CA ASP C 50 -16.33 -27.18 16.83
C ASP C 50 -16.09 -28.67 16.97
N VAL C 51 -15.58 -29.07 18.12
CA VAL C 51 -15.35 -30.49 18.41
C VAL C 51 -15.74 -30.80 19.85
N ASN C 52 -16.45 -31.92 20.02
CA ASN C 52 -16.72 -32.47 21.35
C ASN C 52 -15.49 -33.28 21.80
N PRO C 53 -14.79 -32.80 22.85
CA PRO C 53 -13.54 -33.42 23.31
C PRO C 53 -13.69 -34.85 23.85
N ASN C 54 -14.91 -35.22 24.25
CA ASN C 54 -15.19 -36.57 24.74
C ASN C 54 -15.30 -37.60 23.62
N SER C 55 -16.03 -37.24 22.56
CA SER C 55 -16.34 -38.16 21.47
C SER C 55 -15.45 -37.94 20.24
N GLY C 56 -14.78 -36.80 20.17
CA GLY C 56 -13.97 -36.44 19.02
C GLY C 56 -14.80 -35.99 17.83
N GLY C 57 -16.12 -36.04 17.98
CA GLY C 57 -17.04 -35.63 16.92
C GLY C 57 -16.95 -34.13 16.68
N SER C 58 -16.99 -33.74 15.41
CA SER C 58 -16.83 -32.35 15.03
C SER C 58 -17.83 -31.92 13.96
N ILE C 59 -18.18 -30.63 13.97
CA ILE C 59 -19.04 -30.02 12.97
C ILE C 59 -18.22 -28.90 12.34
N TYR C 60 -18.41 -28.68 11.04
CA TYR C 60 -17.68 -27.63 10.31
C TYR C 60 -18.62 -26.70 9.58
N ASN C 61 -18.28 -25.42 9.54
CA ASN C 61 -18.95 -24.48 8.66
C ASN C 61 -18.76 -24.92 7.19
N GLN C 62 -19.73 -24.58 6.34
CA GLN C 62 -19.80 -25.06 4.93
C GLN C 62 -18.49 -24.99 4.15
N GLU C 63 -17.84 -23.82 4.21
CA GLU C 63 -16.60 -23.53 3.49
C GLU C 63 -15.43 -24.46 3.88
N PHE C 64 -15.52 -25.11 5.05
CA PHE C 64 -14.38 -25.85 5.60
C PHE C 64 -14.59 -27.36 5.58
N LYS C 65 -15.81 -27.79 5.24
CA LYS C 65 -16.10 -29.21 5.23
C LYS C 65 -15.24 -29.94 4.19
N GLY C 66 -14.65 -31.05 4.61
CA GLY C 66 -13.80 -31.87 3.74
C GLY C 66 -12.31 -31.53 3.82
N ARG C 67 -12.00 -30.25 3.98
CA ARG C 67 -10.61 -29.78 3.90
C ARG C 67 -9.98 -29.38 5.25
N PHE C 68 -10.81 -29.07 6.25
CA PHE C 68 -10.31 -28.86 7.61
C PHE C 68 -10.66 -30.07 8.45
N THR C 69 -9.75 -30.42 9.36
CA THR C 69 -10.00 -31.52 10.30
C THR C 69 -9.67 -31.09 11.72
N LEU C 70 -10.65 -31.26 12.61
CA LEU C 70 -10.46 -30.95 14.01
C LEU C 70 -10.18 -32.22 14.78
N SER C 71 -9.18 -32.18 15.66
CA SER C 71 -8.90 -33.29 16.56
C SER C 71 -8.56 -32.79 17.97
N VAL C 72 -8.50 -33.73 18.91
CA VAL C 72 -8.20 -33.43 20.32
C VAL C 72 -7.17 -34.41 20.88
N ASP C 73 -6.38 -33.93 21.84
CA ASP C 73 -5.57 -34.79 22.69
C ASP C 73 -5.90 -34.51 24.17
N ARG C 74 -6.72 -35.36 24.77
CA ARG C 74 -7.14 -35.17 26.18
C ARG C 74 -5.99 -35.12 27.17
N SER C 75 -5.02 -36.01 27.02
CA SER C 75 -3.85 -36.09 27.91
C SER C 75 -3.07 -34.78 27.99
N LYS C 76 -3.07 -34.01 26.90
CA LYS C 76 -2.34 -32.75 26.86
C LYS C 76 -3.28 -31.52 26.94
N ASN C 77 -4.59 -31.79 27.03
CA ASN C 77 -5.65 -30.76 26.98
C ASN C 77 -5.51 -29.84 25.76
N THR C 78 -5.29 -30.46 24.60
CA THR C 78 -4.97 -29.72 23.39
C THR C 78 -5.91 -30.05 22.23
N LEU C 79 -6.21 -29.01 21.45
CA LEU C 79 -7.10 -29.09 20.28
C LEU C 79 -6.25 -28.79 19.03
N TYR C 80 -6.47 -29.53 17.94
CA TYR C 80 -5.68 -29.33 16.70
C TYR C 80 -6.58 -29.06 15.52
N LEU C 81 -6.33 -27.94 14.83
CA LEU C 81 -7.01 -27.65 13.57
C LEU C 81 -6.06 -27.88 12.41
N GLN C 82 -6.31 -28.94 11.66
CA GLN C 82 -5.52 -29.25 10.47
C GLN C 82 -6.22 -28.62 9.28
N MET C 83 -5.54 -27.70 8.61
CA MET C 83 -6.14 -27.00 7.48
C MET C 83 -5.41 -27.44 6.24
N ASN C 84 -6.19 -27.85 5.24
CA ASN C 84 -5.67 -28.23 3.93
C ASN C 84 -6.32 -27.39 2.83
N SER C 85 -5.72 -27.41 1.63
CA SER C 85 -6.20 -26.69 0.44
C SER C 85 -6.48 -25.22 0.75
N LEU C 86 -5.52 -24.57 1.39
CA LEU C 86 -5.71 -23.19 1.81
C LEU C 86 -5.67 -22.25 0.62
N ARG C 87 -6.48 -21.19 0.66
CA ARG C 87 -6.57 -20.21 -0.40
C ARG C 87 -6.29 -18.83 0.19
N ALA C 88 -5.96 -17.86 -0.66
CA ALA C 88 -5.69 -16.50 -0.18
C ALA C 88 -6.79 -15.99 0.76
N GLU C 89 -8.03 -16.38 0.47
CA GLU C 89 -9.22 -15.97 1.22
C GLU C 89 -9.25 -16.50 2.66
N ASP C 90 -8.38 -17.47 2.96
CA ASP C 90 -8.28 -18.03 4.30
C ASP C 90 -7.30 -17.28 5.22
N THR C 91 -6.63 -16.28 4.67
CA THR C 91 -5.78 -15.39 5.47
C THR C 91 -6.66 -14.76 6.54
N ALA C 92 -6.27 -14.93 7.80
CA ALA C 92 -7.10 -14.50 8.92
C ALA C 92 -6.38 -14.71 10.25
N VAL C 93 -6.83 -14.02 11.30
CA VAL C 93 -6.44 -14.36 12.67
C VAL C 93 -7.37 -15.50 13.08
N TYR C 94 -6.79 -16.63 13.47
CA TYR C 94 -7.55 -17.79 13.96
C TYR C 94 -7.53 -17.81 15.48
N TYR C 95 -8.73 -17.85 16.06
CA TYR C 95 -8.95 -17.91 17.52
C TYR C 95 -9.51 -19.25 17.92
N CYS C 96 -8.98 -19.80 19.00
CA CYS C 96 -9.67 -20.91 19.62
C CYS C 96 -10.54 -20.32 20.71
N ALA C 97 -11.64 -21.00 20.99
CA ALA C 97 -12.62 -20.52 21.96
C ALA C 97 -13.38 -21.71 22.51
N ARG C 98 -14.19 -21.47 23.53
CA ARG C 98 -14.99 -22.56 24.12
C ARG C 98 -16.44 -22.13 24.25
N ASN C 99 -17.36 -23.09 24.16
CA ASN C 99 -18.77 -22.85 24.46
C ASN C 99 -19.35 -24.00 25.29
N LEU C 100 -20.57 -23.81 25.80
CA LEU C 100 -21.23 -24.81 26.63
C LEU C 100 -22.55 -25.25 26.01
N GLY C 101 -22.66 -26.56 25.77
CA GLY C 101 -23.91 -27.19 25.32
C GLY C 101 -24.41 -26.68 23.99
N PRO C 102 -25.73 -26.41 23.88
CA PRO C 102 -26.33 -25.96 22.63
C PRO C 102 -26.13 -24.47 22.32
N SER C 103 -25.62 -23.70 23.27
CA SER C 103 -25.47 -22.26 23.07
C SER C 103 -24.06 -21.95 22.59
N PHE C 104 -23.93 -21.61 21.31
CA PHE C 104 -22.60 -21.42 20.73
C PHE C 104 -22.13 -19.97 20.82
N TYR C 105 -22.21 -19.40 22.01
CA TYR C 105 -21.55 -18.13 22.29
C TYR C 105 -20.30 -18.41 23.11
N PHE C 106 -19.30 -17.54 22.97
CA PHE C 106 -17.94 -17.87 23.41
C PHE C 106 -17.46 -16.98 24.53
N ASP C 107 -17.33 -17.57 25.72
CA ASP C 107 -17.00 -16.79 26.89
C ASP C 107 -15.51 -16.60 27.06
N TYR C 108 -14.71 -17.50 26.50
CA TYR C 108 -13.26 -17.40 26.56
C TYR C 108 -12.68 -17.61 25.17
N TRP C 109 -11.72 -16.73 24.83
CA TRP C 109 -11.05 -16.70 23.52
C TRP C 109 -9.57 -16.70 23.73
N GLY C 110 -8.86 -17.48 22.93
CA GLY C 110 -7.41 -17.40 22.92
C GLY C 110 -6.94 -16.07 22.35
N GLN C 111 -5.63 -15.90 22.26
CA GLN C 111 -5.07 -14.62 21.82
C GLN C 111 -5.11 -14.49 20.29
N GLY C 112 -5.27 -15.61 19.59
CA GLY C 112 -5.37 -15.57 18.14
C GLY C 112 -4.00 -15.68 17.49
N THR C 113 -3.96 -16.34 16.33
CA THR C 113 -2.73 -16.55 15.58
C THR C 113 -2.98 -16.20 14.10
N LEU C 114 -2.11 -15.38 13.49
CA LEU C 114 -2.34 -14.93 12.12
C LEU C 114 -1.80 -15.95 11.14
N VAL C 115 -2.68 -16.39 10.23
CA VAL C 115 -2.30 -17.29 9.14
C VAL C 115 -2.35 -16.47 7.86
N THR C 116 -1.24 -16.41 7.13
CA THR C 116 -1.18 -15.65 5.89
C THR C 116 -1.00 -16.64 4.77
N VAL C 117 -1.93 -16.66 3.81
CA VAL C 117 -1.81 -17.55 2.66
C VAL C 117 -1.30 -16.74 1.49
N SER C 118 -0.09 -17.04 1.02
CA SER C 118 0.60 -16.17 0.05
C SER C 118 1.63 -16.98 -0.70
N SER C 119 1.90 -16.57 -1.94
CA SER C 119 2.92 -17.23 -2.77
C SER C 119 4.32 -16.66 -2.52
N ALA C 120 4.41 -15.56 -1.79
CA ALA C 120 5.73 -14.95 -1.51
C ALA C 120 6.50 -15.71 -0.42
N SER C 121 7.80 -15.47 -0.33
CA SER C 121 8.68 -16.12 0.65
C SER C 121 8.56 -15.48 2.03
N THR C 122 8.82 -16.27 3.07
CA THR C 122 9.03 -15.64 4.39
C THR C 122 10.32 -14.81 4.32
N LYS C 123 10.35 -13.70 5.06
CA LYS C 123 11.55 -12.90 5.16
C LYS C 123 11.63 -12.29 6.57
N GLY C 124 12.66 -12.67 7.35
CA GLY C 124 12.87 -12.04 8.66
C GLY C 124 13.31 -10.59 8.54
N PRO C 125 13.10 -9.81 9.60
CA PRO C 125 13.36 -8.38 9.48
C PRO C 125 14.82 -7.97 9.65
N SER C 126 15.12 -6.77 9.14
CA SER C 126 16.37 -6.09 9.45
C SER C 126 16.02 -5.02 10.47
N VAL C 127 16.68 -5.09 11.62
CA VAL C 127 16.39 -4.20 12.72
C VAL C 127 17.50 -3.18 12.88
N PHE C 128 17.12 -1.90 12.84
CA PHE C 128 18.06 -0.78 12.96
C PHE C 128 17.71 0.07 14.15
N PRO C 129 18.74 0.61 14.82
CA PRO C 129 18.45 1.47 15.97
C PRO C 129 18.03 2.85 15.51
N LEU C 130 17.12 3.46 16.27
CA LEU C 130 16.82 4.89 16.15
C LEU C 130 17.42 5.56 17.40
N ALA C 131 18.66 6.02 17.22
CA ALA C 131 19.49 6.46 18.33
C ALA C 131 18.98 7.74 18.96
N PRO C 132 18.94 7.78 20.30
CA PRO C 132 18.65 9.06 20.96
C PRO C 132 19.85 9.99 20.83
N SER C 133 19.58 11.29 20.83
CA SER C 133 20.63 12.30 20.79
C SER C 133 20.00 13.60 21.23
N SER C 134 20.80 14.66 21.32
CA SER C 134 20.29 15.97 21.65
C SER C 134 19.18 16.35 20.68
N LYS C 135 19.28 15.86 19.43
CA LYS C 135 18.31 16.20 18.39
C LYS C 135 16.97 15.51 18.55
N SER C 136 16.92 14.42 19.32
CA SER C 136 15.64 13.77 19.63
C SER C 136 15.18 14.03 21.07
N THR C 137 15.79 15.00 21.73
CA THR C 137 15.49 15.32 23.12
C THR C 137 14.75 16.64 23.22
N SER C 138 13.65 16.66 23.97
CA SER C 138 12.80 17.83 24.11
C SER C 138 12.37 17.92 25.55
N GLY C 139 12.71 19.04 26.18
CA GLY C 139 12.31 19.29 27.56
C GLY C 139 12.79 18.23 28.54
N GLY C 140 13.97 17.69 28.25
CA GLY C 140 14.62 16.68 29.09
C GLY C 140 14.20 15.24 28.80
N THR C 141 13.30 15.05 27.85
CA THR C 141 12.82 13.72 27.46
C THR C 141 13.46 13.31 26.13
N ALA C 142 14.18 12.19 26.12
CA ALA C 142 14.85 11.70 24.92
C ALA C 142 13.98 10.63 24.27
N ALA C 143 13.84 10.70 22.96
CA ALA C 143 13.15 9.62 22.24
C ALA C 143 14.18 8.71 21.58
N LEU C 144 13.94 7.41 21.66
CA LEU C 144 14.81 6.44 20.99
C LEU C 144 13.89 5.35 20.47
N GLY C 145 14.40 4.50 19.60
CA GLY C 145 13.52 3.47 19.07
C GLY C 145 14.22 2.44 18.23
N CYS C 146 13.43 1.57 17.62
CA CYS C 146 13.97 0.64 16.64
C CYS C 146 13.09 0.61 15.43
N LEU C 147 13.74 0.50 14.29
CA LEU C 147 13.10 0.39 12.99
C LEU C 147 13.21 -1.08 12.58
N VAL C 148 12.06 -1.70 12.34
CA VAL C 148 12.00 -3.13 11.96
C VAL C 148 11.64 -3.17 10.46
N LYS C 149 12.62 -3.42 9.61
CA LYS C 149 12.47 -3.20 8.16
C LYS C 149 12.31 -4.48 7.40
N ASP C 150 11.41 -4.44 6.42
CA ASP C 150 11.44 -5.38 5.30
C ASP C 150 11.23 -6.84 5.68
N TYR C 151 10.10 -7.12 6.32
CA TYR C 151 9.79 -8.48 6.72
C TYR C 151 8.47 -8.95 6.10
N PHE C 152 8.26 -10.26 6.11
CA PHE C 152 7.05 -10.86 5.57
C PHE C 152 6.94 -12.26 6.10
N PRO C 153 5.71 -12.71 6.42
CA PRO C 153 4.46 -11.96 6.56
C PRO C 153 4.41 -11.24 7.91
N GLU C 154 3.28 -10.58 8.19
CA GLU C 154 3.02 -10.14 9.57
C GLU C 154 2.82 -11.39 10.43
N PRO C 155 2.93 -11.28 11.77
CA PRO C 155 3.27 -10.06 12.50
C PRO C 155 4.68 -10.09 13.11
N VAL C 156 5.11 -8.90 13.55
CA VAL C 156 6.22 -8.74 14.45
C VAL C 156 5.69 -8.19 15.77
N THR C 157 6.31 -8.59 16.88
CA THR C 157 6.10 -7.96 18.17
C THR C 157 7.38 -7.30 18.65
N VAL C 158 7.25 -6.25 19.45
CA VAL C 158 8.41 -5.60 20.01
C VAL C 158 8.18 -5.34 21.48
N SER C 159 9.19 -5.66 22.26
CA SER C 159 9.20 -5.29 23.66
C SER C 159 10.50 -4.57 23.91
N TRP C 160 10.60 -3.93 25.07
CA TRP C 160 11.82 -3.26 25.45
C TRP C 160 12.37 -3.82 26.74
N ASN C 161 13.68 -4.05 26.77
CA ASN C 161 14.37 -4.53 27.99
C ASN C 161 13.70 -5.76 28.56
N SER C 162 13.35 -6.68 27.64
CA SER C 162 12.73 -7.96 27.99
C SER C 162 11.42 -7.78 28.77
N GLY C 163 10.68 -6.71 28.48
CA GLY C 163 9.40 -6.43 29.13
C GLY C 163 9.48 -5.56 30.37
N ALA C 164 10.69 -5.21 30.80
CA ALA C 164 10.88 -4.37 31.99
C ALA C 164 10.49 -2.91 31.70
N LEU C 165 10.56 -2.52 30.44
CA LEU C 165 10.25 -1.13 30.06
C LEU C 165 8.96 -1.09 29.25
N THR C 166 7.90 -0.51 29.83
CA THR C 166 6.61 -0.46 29.13
C THR C 166 6.00 0.94 29.05
N SER C 167 6.26 1.80 30.03
CA SER C 167 5.67 3.13 29.98
C SER C 167 6.38 4.00 28.93
N GLY C 168 5.58 4.77 28.20
CA GLY C 168 6.10 5.62 27.16
C GLY C 168 6.49 4.89 25.88
N VAL C 169 6.10 3.63 25.77
CA VAL C 169 6.38 2.82 24.56
C VAL C 169 5.23 2.98 23.58
N ALA C 170 5.58 3.29 22.32
CA ALA C 170 4.64 3.30 21.20
C ALA C 170 5.15 2.46 20.04
N THR C 171 4.43 1.38 19.72
CA THR C 171 4.82 0.50 18.62
C THR C 171 3.73 0.58 17.59
N GLY C 172 4.11 0.96 16.38
CA GLY C 172 3.18 1.45 15.38
C GLY C 172 2.69 0.32 14.52
N PRO C 173 1.58 0.55 13.80
CA PRO C 173 1.22 -0.54 12.90
C PRO C 173 2.22 -0.58 11.77
N ALA C 174 2.26 -1.68 11.02
CA ALA C 174 3.16 -1.82 9.89
C ALA C 174 2.68 -1.04 8.67
N VAL C 175 3.62 -0.66 7.83
CA VAL C 175 3.32 -0.12 6.50
C VAL C 175 3.67 -1.23 5.51
N LEU C 176 2.81 -1.44 4.53
CA LEU C 176 3.13 -2.31 3.43
C LEU C 176 3.80 -1.50 2.33
N GLN C 177 5.02 -1.87 2.00
CA GLN C 177 5.79 -1.12 1.02
C GLN C 177 5.57 -1.62 -0.40
N SER C 178 6.02 -0.84 -1.38
CA SER C 178 5.86 -1.19 -2.79
C SER C 178 6.56 -2.51 -3.14
N SER C 179 7.59 -2.88 -2.38
CA SER C 179 8.30 -4.15 -2.49
C SER C 179 7.46 -5.34 -2.05
N GLY C 180 6.30 -5.11 -1.46
CA GLY C 180 5.50 -6.18 -0.84
C GLY C 180 5.97 -6.64 0.53
N LEU C 181 6.95 -5.92 1.11
CA LEU C 181 7.41 -6.20 2.49
C LEU C 181 6.88 -5.18 3.48
N TYR C 182 6.81 -5.60 4.74
CA TYR C 182 6.33 -4.74 5.83
C TYR C 182 7.49 -4.09 6.56
N SER C 183 7.20 -2.93 7.12
CA SER C 183 8.13 -2.27 8.07
C SER C 183 7.30 -1.69 9.21
N LEU C 184 7.88 -1.64 10.40
CA LEU C 184 7.26 -0.89 11.48
C LEU C 184 8.32 -0.32 12.39
N SER C 185 7.91 0.55 13.31
CA SER C 185 8.85 1.05 14.31
C SER C 185 8.27 1.04 15.71
N SER C 186 9.15 1.07 16.69
CA SER C 186 8.75 1.22 18.09
C SER C 186 9.62 2.33 18.65
N VAL C 187 8.98 3.27 19.33
CA VAL C 187 9.66 4.43 19.89
C VAL C 187 9.28 4.56 21.36
N VAL C 188 10.29 4.79 22.20
CA VAL C 188 10.08 4.96 23.63
C VAL C 188 10.70 6.30 24.05
N THR C 189 10.07 6.95 25.02
CA THR C 189 10.62 8.23 25.53
C THR C 189 11.08 8.03 26.98
N VAL C 190 12.27 8.52 27.28
CA VAL C 190 12.92 8.27 28.56
C VAL C 190 13.61 9.54 29.06
N PRO C 191 13.87 9.63 30.38
CA PRO C 191 14.62 10.83 30.82
C PRO C 191 16.01 10.89 30.19
N SER C 192 16.42 12.04 29.67
CA SER C 192 17.75 12.07 29.03
C SER C 192 18.93 11.62 29.95
N SER C 193 18.88 11.86 31.27
CA SER C 193 20.00 11.37 32.11
C SER C 193 20.11 9.85 32.11
N SER C 194 18.99 9.16 31.79
CA SER C 194 19.01 7.69 31.78
C SER C 194 19.83 7.17 30.60
N LEU C 195 20.14 8.02 29.65
CA LEU C 195 20.92 7.55 28.51
C LEU C 195 22.32 7.11 28.91
N GLY C 196 22.84 7.61 30.02
CA GLY C 196 24.16 7.16 30.49
C GLY C 196 24.07 6.00 31.47
N THR C 197 22.94 5.88 32.15
CA THR C 197 22.81 4.92 33.25
C THR C 197 22.04 3.63 32.93
N GLN C 198 21.26 3.63 31.86
CA GLN C 198 20.36 2.50 31.56
C GLN C 198 20.61 2.06 30.12
N THR C 199 20.80 0.76 29.95
CA THR C 199 20.91 0.17 28.62
C THR C 199 19.50 -0.06 28.06
N TYR C 200 19.30 0.28 26.79
CA TYR C 200 18.02 0.09 26.11
C TYR C 200 18.17 -0.91 24.99
N ILE C 201 17.36 -1.96 25.06
CA ILE C 201 17.38 -3.06 24.09
C ILE C 201 15.96 -3.28 23.59
N CYS C 202 15.79 -3.24 22.26
CA CYS C 202 14.51 -3.59 21.69
C CYS C 202 14.53 -5.08 21.31
N ASN C 203 13.51 -5.79 21.76
CA ASN C 203 13.41 -7.23 21.52
C ASN C 203 12.35 -7.47 20.44
N VAL C 204 12.80 -7.88 19.25
CA VAL C 204 11.90 -8.04 18.13
C VAL C 204 11.65 -9.54 17.93
N ASN C 205 10.38 -9.94 17.84
CA ASN C 205 10.05 -11.34 17.55
C ASN C 205 9.29 -11.39 16.23
N HIS C 206 9.82 -12.16 15.28
CA HIS C 206 9.09 -12.46 14.04
C HIS C 206 8.91 -13.95 13.95
N LYS C 207 7.83 -14.41 14.60
CA LYS C 207 7.57 -15.83 14.72
C LYS C 207 7.43 -16.55 13.36
N PRO C 208 6.86 -15.89 12.33
CA PRO C 208 6.74 -16.60 11.07
C PRO C 208 8.07 -17.01 10.43
N SER C 209 9.18 -16.33 10.76
CA SER C 209 10.51 -16.72 10.26
C SER C 209 11.36 -17.33 11.40
N ASN C 210 10.75 -17.56 12.56
CA ASN C 210 11.43 -18.12 13.73
C ASN C 210 12.66 -17.30 14.09
N THR C 211 12.56 -15.98 13.96
CA THR C 211 13.65 -15.07 14.20
C THR C 211 13.33 -14.23 15.41
N LYS C 212 14.34 -14.05 16.27
CA LYS C 212 14.33 -13.02 17.30
C LYS C 212 15.57 -12.14 17.18
N VAL C 213 15.40 -10.82 17.31
CA VAL C 213 16.52 -9.90 17.31
C VAL C 213 16.46 -9.04 18.57
N ASP C 214 17.56 -8.99 19.32
CA ASP C 214 17.67 -8.07 20.45
C ASP C 214 18.65 -6.99 20.06
N LYS C 215 18.15 -5.79 19.77
CA LYS C 215 18.99 -4.71 19.26
C LYS C 215 19.29 -3.69 20.36
N LYS C 216 20.58 -3.53 20.69
CA LYS C 216 20.98 -2.49 21.63
C LYS C 216 20.91 -1.13 20.94
N VAL C 217 20.25 -0.18 21.58
CA VAL C 217 20.07 1.15 21.01
C VAL C 217 20.91 2.11 21.85
N GLU C 218 22.02 2.55 21.26
CA GLU C 218 23.03 3.39 21.93
C GLU C 218 22.84 4.84 21.56
N PRO C 219 23.07 5.75 22.52
CA PRO C 219 23.01 7.16 22.20
C PRO C 219 24.13 7.51 21.25
N LYS C 220 23.88 8.48 20.38
CA LYS C 220 24.88 8.96 19.39
C LYS C 220 25.37 10.36 19.76
N ARG D 1 -29.19 -18.86 3.67
CA ARG D 1 -28.40 -18.78 4.92
C ARG D 1 -28.91 -17.66 5.83
N ILE D 2 -28.72 -17.83 7.13
CA ILE D 2 -29.17 -16.84 8.12
C ILE D 2 -28.21 -15.64 8.14
N GLN D 3 -28.77 -14.44 8.19
CA GLN D 3 -27.96 -13.23 8.18
C GLN D 3 -28.20 -12.39 9.42
N MET D 4 -27.13 -11.77 9.91
CA MET D 4 -27.21 -10.83 11.02
C MET D 4 -26.68 -9.51 10.49
N THR D 5 -27.56 -8.53 10.38
CA THR D 5 -27.24 -7.30 9.67
C THR D 5 -27.19 -6.19 10.70
N GLN D 6 -25.97 -5.73 10.95
CA GLN D 6 -25.71 -4.82 12.01
C GLN D 6 -25.72 -3.36 11.51
N SER D 7 -26.21 -2.47 12.34
CA SER D 7 -26.28 -1.04 11.99
C SER D 7 -26.00 -0.12 13.19
N PRO D 8 -25.24 0.97 12.98
CA PRO D 8 -24.56 1.42 11.75
C PRO D 8 -23.22 0.69 11.58
N SER D 9 -22.52 0.96 10.48
CA SER D 9 -21.18 0.39 10.27
C SER D 9 -20.15 0.98 11.25
N SER D 10 -20.32 2.27 11.54
CA SER D 10 -19.44 3.00 12.42
C SER D 10 -20.21 4.16 12.99
N LEU D 11 -19.78 4.63 14.16
CA LEU D 11 -20.33 5.83 14.75
C LEU D 11 -19.29 6.52 15.61
N SER D 12 -19.49 7.82 15.79
CA SER D 12 -18.64 8.64 16.61
C SER D 12 -19.52 9.34 17.64
N ALA D 13 -19.16 9.23 18.91
CA ALA D 13 -19.96 9.81 19.99
C ALA D 13 -19.08 10.40 21.07
N SER D 14 -19.65 11.30 21.87
CA SER D 14 -18.89 11.98 22.92
C SER D 14 -18.97 11.19 24.20
N VAL D 15 -17.98 11.41 25.06
CA VAL D 15 -17.99 10.84 26.41
C VAL D 15 -19.28 11.25 27.12
N GLY D 16 -19.93 10.27 27.74
CA GLY D 16 -21.22 10.46 28.40
C GLY D 16 -22.45 10.28 27.52
N ASP D 17 -22.26 10.18 26.20
CA ASP D 17 -23.39 10.01 25.27
C ASP D 17 -24.00 8.62 25.43
N ARG D 18 -25.28 8.51 25.11
CA ARG D 18 -25.95 7.20 25.04
C ARG D 18 -25.81 6.67 23.60
N VAL D 19 -25.21 5.49 23.47
CA VAL D 19 -24.95 4.91 22.14
C VAL D 19 -25.81 3.66 21.95
N THR D 20 -26.41 3.56 20.77
CA THR D 20 -27.28 2.43 20.39
C THR D 20 -26.77 1.77 19.11
N ILE D 21 -26.60 0.44 19.16
CA ILE D 21 -26.19 -0.35 18.01
C ILE D 21 -27.29 -1.38 17.80
N THR D 22 -27.78 -1.51 16.57
CA THR D 22 -28.84 -2.49 16.30
C THR D 22 -28.38 -3.63 15.40
N CYS D 23 -29.10 -4.75 15.48
CA CYS D 23 -28.80 -5.93 14.70
C CYS D 23 -30.15 -6.51 14.27
N LYS D 24 -30.30 -6.84 12.99
CA LYS D 24 -31.53 -7.42 12.49
C LYS D 24 -31.23 -8.83 12.01
N ALA D 25 -31.90 -9.83 12.58
CA ALA D 25 -31.75 -11.22 12.14
C ALA D 25 -32.73 -11.49 11.00
N SER D 26 -32.31 -12.30 10.03
CA SER D 26 -33.14 -12.61 8.86
C SER D 26 -34.29 -13.55 9.19
N GLN D 27 -34.27 -14.10 10.39
CA GLN D 27 -35.39 -14.90 10.89
C GLN D 27 -35.40 -14.88 12.41
N ASP D 28 -36.49 -15.39 12.98
CA ASP D 28 -36.69 -15.42 14.41
C ASP D 28 -35.57 -16.20 15.08
N VAL D 29 -34.81 -15.52 15.93
CA VAL D 29 -33.73 -16.18 16.65
C VAL D 29 -33.97 -16.09 18.17
N SER D 30 -35.24 -16.01 18.56
CA SER D 30 -35.65 -15.90 19.96
C SER D 30 -34.77 -14.92 20.76
N ILE D 31 -34.14 -15.42 21.82
CA ILE D 31 -33.25 -14.59 22.67
C ILE D 31 -31.81 -15.09 22.59
N GLY D 32 -31.54 -15.96 21.61
CA GLY D 32 -30.22 -16.55 21.38
C GLY D 32 -29.27 -15.61 20.67
N VAL D 33 -28.99 -14.48 21.31
CA VAL D 33 -28.05 -13.49 20.76
C VAL D 33 -27.02 -13.07 21.80
N ALA D 34 -25.76 -12.95 21.36
CA ALA D 34 -24.69 -12.45 22.19
C ALA D 34 -24.10 -11.20 21.57
N TRP D 35 -23.47 -10.38 22.40
CA TRP D 35 -22.68 -9.23 21.93
C TRP D 35 -21.26 -9.30 22.44
N TYR D 36 -20.31 -8.94 21.58
CA TYR D 36 -18.88 -8.95 21.94
C TYR D 36 -18.23 -7.60 21.67
N GLN D 37 -17.16 -7.33 22.41
CA GLN D 37 -16.34 -6.15 22.21
C GLN D 37 -14.97 -6.58 21.70
N ASP D 38 -14.50 -5.97 20.62
CA ASP D 38 -13.23 -6.36 20.04
C ASP D 38 -12.33 -5.12 19.91
N LYS D 39 -11.17 -5.19 20.56
CA LYS D 39 -10.17 -4.12 20.46
C LYS D 39 -8.95 -4.57 19.65
N PRO D 40 -8.30 -3.64 18.91
CA PRO D 40 -7.13 -4.04 18.12
C PRO D 40 -6.10 -4.80 18.98
N GLY D 41 -5.66 -5.95 18.47
CA GLY D 41 -4.62 -6.74 19.13
C GLY D 41 -5.06 -7.61 20.30
N LYS D 42 -6.35 -7.55 20.62
CA LYS D 42 -6.92 -8.32 21.73
C LYS D 42 -8.03 -9.22 21.21
N ALA D 43 -8.25 -10.34 21.88
CA ALA D 43 -9.31 -11.25 21.49
C ALA D 43 -10.65 -10.64 21.87
N PRO D 44 -11.72 -10.99 21.11
CA PRO D 44 -13.04 -10.50 21.49
C PRO D 44 -13.38 -10.86 22.94
N LYS D 45 -14.13 -9.97 23.59
CA LYS D 45 -14.62 -10.18 24.95
C LYS D 45 -16.14 -10.28 24.92
N LEU D 46 -16.69 -11.31 25.58
CA LEU D 46 -18.16 -11.45 25.69
C LEU D 46 -18.74 -10.36 26.58
N LEU D 47 -19.77 -9.68 26.10
CA LEU D 47 -20.45 -8.63 26.86
C LEU D 47 -21.84 -9.09 27.34
N ILE D 48 -22.60 -9.67 26.44
CA ILE D 48 -24.04 -9.92 26.65
C ILE D 48 -24.36 -11.30 26.12
N TYR D 49 -25.14 -12.07 26.87
CA TYR D 49 -25.66 -13.33 26.33
C TYR D 49 -27.15 -13.37 26.63
N SER D 50 -27.86 -14.32 26.01
CA SER D 50 -29.32 -14.44 26.13
C SER D 50 -30.01 -13.10 25.95
N ALA D 51 -29.51 -12.32 24.96
CA ALA D 51 -30.06 -11.03 24.55
C ALA D 51 -29.90 -9.89 25.55
N SER D 52 -30.02 -10.16 26.84
CA SER D 52 -30.10 -9.09 27.82
C SER D 52 -29.26 -9.28 29.09
N TYR D 53 -28.52 -10.37 29.18
CA TYR D 53 -27.76 -10.66 30.39
C TYR D 53 -26.28 -10.28 30.27
N ARG D 54 -25.82 -9.43 31.20
CA ARG D 54 -24.40 -9.07 31.27
C ARG D 54 -23.54 -10.22 31.77
N TYR D 55 -22.47 -10.49 31.03
CA TYR D 55 -21.45 -11.43 31.46
C TYR D 55 -20.70 -10.87 32.69
N THR D 56 -20.05 -11.78 33.43
CA THR D 56 -19.26 -11.42 34.62
C THR D 56 -18.29 -10.28 34.35
N GLY D 57 -18.32 -9.27 35.22
CA GLY D 57 -17.37 -8.16 35.16
C GLY D 57 -17.70 -7.06 34.18
N VAL D 58 -18.79 -7.23 33.43
CA VAL D 58 -19.18 -6.24 32.43
C VAL D 58 -19.86 -5.06 33.13
N PRO D 59 -19.37 -3.82 32.89
CA PRO D 59 -19.96 -2.62 33.50
C PRO D 59 -21.44 -2.47 33.20
N SER D 60 -22.18 -1.93 34.14
CA SER D 60 -23.63 -1.84 34.02
C SER D 60 -24.08 -0.86 32.93
N ARG D 61 -23.18 0.01 32.47
CA ARG D 61 -23.52 0.89 31.35
C ARG D 61 -23.82 0.13 30.06
N PHE D 62 -23.37 -1.12 29.96
CA PHE D 62 -23.73 -2.01 28.86
C PHE D 62 -25.05 -2.72 29.12
N SER D 63 -25.96 -2.64 28.15
CA SER D 63 -27.21 -3.40 28.22
C SER D 63 -27.67 -3.86 26.85
N GLY D 64 -28.25 -5.04 26.83
CA GLY D 64 -28.76 -5.63 25.61
C GLY D 64 -30.25 -5.83 25.69
N SER D 65 -30.90 -5.70 24.54
CA SER D 65 -32.35 -5.91 24.46
C SER D 65 -32.80 -6.44 23.11
N GLY D 66 -34.08 -6.78 23.05
CA GLY D 66 -34.68 -7.27 21.84
C GLY D 66 -34.82 -8.78 21.87
N SER D 67 -35.52 -9.27 20.86
CA SER D 67 -35.77 -10.67 20.67
C SER D 67 -36.33 -10.83 19.28
N GLY D 68 -36.42 -12.07 18.83
CA GLY D 68 -37.00 -12.37 17.54
C GLY D 68 -36.05 -12.00 16.42
N THR D 69 -36.34 -10.88 15.76
CA THR D 69 -35.50 -10.42 14.63
C THR D 69 -34.75 -9.13 14.91
N ASP D 70 -35.06 -8.46 16.01
CA ASP D 70 -34.45 -7.14 16.28
C ASP D 70 -33.77 -7.04 17.63
N PHE D 71 -32.49 -6.70 17.60
CA PHE D 71 -31.66 -6.67 18.82
C PHE D 71 -30.90 -5.35 18.92
N THR D 72 -30.69 -4.90 20.15
CA THR D 72 -30.02 -3.62 20.39
C THR D 72 -28.99 -3.76 21.52
N LEU D 73 -27.81 -3.19 21.28
CA LEU D 73 -26.82 -3.02 22.32
C LEU D 73 -26.77 -1.54 22.65
N THR D 74 -26.95 -1.23 23.93
CA THR D 74 -26.95 0.14 24.40
C THR D 74 -25.80 0.39 25.37
N ILE D 75 -25.06 1.48 25.14
CA ILE D 75 -24.11 1.96 26.12
C ILE D 75 -24.69 3.27 26.65
N SER D 76 -25.03 3.29 27.95
CA SER D 76 -25.83 4.37 28.50
C SER D 76 -25.04 5.65 28.71
N SER D 77 -23.74 5.49 29.00
CA SER D 77 -22.87 6.63 29.17
C SER D 77 -21.47 6.31 28.65
N LEU D 78 -21.22 6.68 27.40
CA LEU D 78 -20.00 6.29 26.71
C LEU D 78 -18.73 6.73 27.46
N GLN D 79 -17.80 5.79 27.64
CA GLN D 79 -16.54 6.05 28.31
C GLN D 79 -15.36 5.91 27.32
N PRO D 80 -14.21 6.56 27.60
CA PRO D 80 -13.11 6.51 26.63
C PRO D 80 -12.66 5.08 26.32
N GLU D 81 -12.67 4.21 27.33
CA GLU D 81 -12.26 2.81 27.19
C GLU D 81 -13.26 1.95 26.36
N ASP D 82 -14.38 2.55 25.96
CA ASP D 82 -15.37 1.83 25.13
C ASP D 82 -15.07 1.88 23.61
N PHE D 83 -14.03 2.64 23.23
CA PHE D 83 -13.47 2.67 21.86
C PHE D 83 -13.13 1.22 21.46
N ALA D 84 -13.87 0.69 20.48
CA ALA D 84 -13.80 -0.72 20.06
C ALA D 84 -14.76 -1.01 18.90
N THR D 85 -14.70 -2.24 18.39
CA THR D 85 -15.65 -2.73 17.39
C THR D 85 -16.55 -3.72 18.12
N TYR D 86 -17.85 -3.55 17.96
CA TYR D 86 -18.84 -4.38 18.63
C TYR D 86 -19.51 -5.31 17.63
N TYR D 87 -19.73 -6.56 18.03
CA TYR D 87 -20.33 -7.60 17.17
C TYR D 87 -21.53 -8.24 17.83
N CYS D 88 -22.62 -8.37 17.09
CA CYS D 88 -23.73 -9.23 17.53
C CYS D 88 -23.47 -10.63 16.98
N GLN D 89 -24.09 -11.64 17.59
CA GLN D 89 -24.00 -13.00 17.08
C GLN D 89 -25.28 -13.72 17.46
N GLN D 90 -25.84 -14.51 16.55
CA GLN D 90 -26.94 -15.40 16.94
C GLN D 90 -26.29 -16.77 17.14
N TYR D 91 -26.64 -17.48 18.23
CA TYR D 91 -25.83 -18.64 18.59
C TYR D 91 -26.55 -19.98 18.76
N TYR D 92 -27.84 -20.02 18.50
CA TYR D 92 -28.55 -21.29 18.63
C TYR D 92 -28.60 -22.07 17.32
N ILE D 93 -28.51 -21.36 16.20
CA ILE D 93 -28.68 -22.01 14.92
C ILE D 93 -27.39 -21.97 14.11
N TYR D 94 -26.92 -23.14 13.68
CA TYR D 94 -25.76 -23.27 12.80
C TYR D 94 -25.94 -22.37 11.57
N PRO D 95 -24.88 -21.63 11.15
CA PRO D 95 -23.49 -21.62 11.63
C PRO D 95 -23.13 -20.51 12.64
N TYR D 96 -24.10 -20.09 13.46
CA TYR D 96 -23.80 -19.23 14.62
C TYR D 96 -23.27 -17.85 14.18
N THR D 97 -23.98 -17.30 13.19
CA THR D 97 -23.63 -16.09 12.43
C THR D 97 -23.34 -14.89 13.31
N PHE D 98 -22.22 -14.20 13.00
CA PHE D 98 -21.92 -12.93 13.60
C PHE D 98 -22.36 -11.81 12.64
N GLY D 99 -22.71 -10.65 13.19
CA GLY D 99 -22.88 -9.44 12.38
C GLY D 99 -21.53 -8.93 11.89
N GLN D 100 -21.55 -7.90 11.04
CA GLN D 100 -20.33 -7.43 10.37
C GLN D 100 -19.48 -6.55 11.29
N GLY D 101 -20.06 -6.15 12.44
CA GLY D 101 -19.41 -5.25 13.38
C GLY D 101 -19.76 -3.78 13.19
N THR D 102 -19.66 -3.02 14.29
CA THR D 102 -19.91 -1.59 14.34
C THR D 102 -18.71 -1.00 15.08
N LYS D 103 -18.00 -0.09 14.42
CA LYS D 103 -16.84 0.55 15.03
C LYS D 103 -17.28 1.81 15.76
N VAL D 104 -16.93 1.90 17.04
CA VAL D 104 -17.29 3.03 17.89
C VAL D 104 -16.04 3.86 18.17
N GLU D 105 -16.09 5.13 17.80
CA GLU D 105 -14.99 6.06 18.03
C GLU D 105 -15.46 7.16 18.96
N ILE D 106 -14.52 7.77 19.70
CA ILE D 106 -14.84 8.84 20.65
C ILE D 106 -14.50 10.20 20.07
N LYS D 107 -15.48 11.10 20.03
CA LYS D 107 -15.25 12.47 19.55
C LYS D 107 -15.33 13.40 20.75
N GLY D 108 -14.99 14.67 20.54
CA GLY D 108 -15.18 15.69 21.57
C GLY D 108 -14.21 15.69 22.73
N GLN D 109 -13.19 14.83 22.68
CA GLN D 109 -12.13 14.81 23.70
C GLN D 109 -11.22 16.02 23.52
N PRO D 110 -10.41 16.35 24.54
CA PRO D 110 -9.62 17.59 24.41
C PRO D 110 -8.68 17.55 23.21
N LYS D 111 -8.66 18.64 22.45
CA LYS D 111 -7.77 18.76 21.31
C LYS D 111 -6.32 18.86 21.79
N ALA D 112 -5.41 18.30 20.99
CA ALA D 112 -3.99 18.37 21.24
C ALA D 112 -3.22 18.37 19.93
N ALA D 113 -2.34 19.37 19.76
CA ALA D 113 -1.47 19.46 18.57
C ALA D 113 -0.40 18.36 18.65
N PRO D 114 0.05 17.84 17.49
CA PRO D 114 1.04 16.76 17.53
C PRO D 114 2.43 17.17 18.00
N SER D 115 3.10 16.25 18.68
CA SER D 115 4.55 16.29 18.81
C SER D 115 5.14 15.58 17.61
N VAL D 116 6.28 16.06 17.12
CA VAL D 116 6.89 15.45 15.95
C VAL D 116 8.35 15.15 16.28
N THR D 117 8.77 13.89 16.10
CA THR D 117 10.16 13.51 16.31
C THR D 117 10.66 12.88 15.01
N LEU D 118 11.76 13.38 14.49
CA LEU D 118 12.27 12.93 13.19
C LEU D 118 13.65 12.32 13.39
N PHE D 119 13.74 11.03 13.07
CA PHE D 119 15.00 10.30 13.19
C PHE D 119 15.66 10.22 11.82
N PRO D 120 16.95 10.53 11.74
CA PRO D 120 17.74 10.33 10.53
C PRO D 120 18.01 8.83 10.29
N PRO D 121 18.54 8.49 9.12
CA PRO D 121 18.98 7.11 8.86
C PRO D 121 20.06 6.72 9.88
N SER D 122 19.98 5.51 10.44
CA SER D 122 21.07 5.01 11.27
C SER D 122 22.36 4.76 10.49
N SER D 123 23.48 4.86 11.21
CA SER D 123 24.77 4.50 10.65
C SER D 123 24.72 3.06 10.09
N GLU D 124 24.09 2.16 10.84
CA GLU D 124 23.98 0.76 10.45
C GLU D 124 23.28 0.62 9.10
N GLU D 125 22.15 1.32 8.94
CA GLU D 125 21.39 1.23 7.69
C GLU D 125 22.18 1.83 6.52
N LEU D 126 22.83 2.97 6.76
CA LEU D 126 23.63 3.65 5.73
C LEU D 126 24.73 2.70 5.25
N GLN D 127 25.31 1.94 6.17
CA GLN D 127 26.38 1.01 5.83
C GLN D 127 25.90 -0.21 5.07
N ALA D 128 24.60 -0.48 5.18
CA ALA D 128 23.92 -1.51 4.39
C ALA D 128 23.34 -0.93 3.09
N ASN D 129 23.82 0.25 2.70
CA ASN D 129 23.40 0.92 1.45
C ASN D 129 21.93 1.32 1.34
N LYS D 130 21.32 1.63 2.48
CA LYS D 130 19.93 2.05 2.53
C LYS D 130 19.80 3.25 3.45
N ALA D 131 18.66 3.94 3.36
CA ALA D 131 18.44 5.11 4.20
C ALA D 131 16.94 5.30 4.34
N THR D 132 16.47 5.35 5.59
CA THR D 132 15.07 5.61 5.88
C THR D 132 15.01 6.70 6.96
N LEU D 133 14.24 7.75 6.70
CA LEU D 133 13.91 8.72 7.76
C LEU D 133 12.61 8.29 8.42
N VAL D 134 12.56 8.39 9.74
CA VAL D 134 11.37 7.98 10.49
C VAL D 134 10.78 9.18 11.23
N CYS D 135 9.56 9.54 10.84
CA CYS D 135 8.84 10.64 11.47
C CYS D 135 7.78 10.06 12.40
N TYR D 136 7.98 10.25 13.71
CA TYR D 136 7.10 9.74 14.75
C TYR D 136 6.21 10.88 15.27
N ILE D 137 4.90 10.71 15.10
CA ILE D 137 3.95 11.81 15.33
C ILE D 137 3.15 11.36 16.52
N SER D 138 3.09 12.17 17.59
CA SER D 138 2.49 11.64 18.81
C SER D 138 1.66 12.67 19.56
N ASP D 139 0.91 12.21 20.57
CA ASP D 139 0.20 13.07 21.55
C ASP D 139 -0.85 13.97 20.91
N PHE D 140 -1.48 13.49 19.83
CA PHE D 140 -2.45 14.35 19.13
C PHE D 140 -3.89 13.88 19.24
N TYR D 141 -4.81 14.85 19.15
CA TYR D 141 -6.22 14.54 19.09
C TYR D 141 -6.95 15.71 18.42
N PRO D 142 -7.90 15.46 17.50
CA PRO D 142 -8.40 14.18 16.98
C PRO D 142 -7.43 13.47 16.07
N GLY D 143 -7.82 12.28 15.61
CA GLY D 143 -6.88 11.34 15.01
C GLY D 143 -6.83 11.36 13.50
N ALA D 144 -6.66 12.56 12.96
CA ALA D 144 -6.47 12.76 11.53
C ALA D 144 -5.31 13.71 11.38
N VAL D 145 -4.32 13.32 10.57
CA VAL D 145 -3.21 14.22 10.21
C VAL D 145 -2.89 13.98 8.76
N THR D 146 -2.22 14.93 8.12
CA THR D 146 -1.61 14.68 6.83
C THR D 146 -0.13 15.00 6.95
N VAL D 147 0.68 14.25 6.23
CA VAL D 147 2.14 14.41 6.31
C VAL D 147 2.72 14.81 4.96
N ALA D 148 3.63 15.77 4.98
CA ALA D 148 4.33 16.18 3.77
C ALA D 148 5.81 16.19 4.08
N TRP D 149 6.60 15.73 3.13
CA TRP D 149 8.04 15.72 3.31
C TRP D 149 8.72 16.71 2.43
N LYS D 150 9.85 17.24 2.89
CA LYS D 150 10.65 18.15 2.07
C LYS D 150 12.10 17.72 2.05
N ALA D 151 12.73 17.95 0.89
CA ALA D 151 14.18 17.81 0.71
C ALA D 151 14.63 19.25 0.54
N ASP D 152 15.45 19.74 1.48
CA ASP D 152 15.74 21.17 1.58
C ASP D 152 14.43 21.97 1.70
N SER D 153 14.13 22.85 0.76
CA SER D 153 12.90 23.66 0.90
C SER D 153 11.70 23.16 0.10
N SER D 154 11.87 22.06 -0.62
CA SER D 154 10.89 21.67 -1.66
C SER D 154 10.25 20.30 -1.42
N PRO D 155 9.00 20.10 -1.87
CA PRO D 155 8.32 18.83 -1.64
C PRO D 155 9.03 17.63 -2.25
N VAL D 156 9.04 16.52 -1.52
CA VAL D 156 9.44 15.25 -2.07
C VAL D 156 8.29 14.27 -1.86
N LYS D 157 7.80 13.70 -2.96
CA LYS D 157 6.66 12.80 -2.87
C LYS D 157 7.05 11.32 -3.02
N ALA D 158 8.13 11.05 -3.76
CA ALA D 158 8.52 9.65 -3.97
C ALA D 158 9.08 9.08 -2.67
N GLY D 159 8.82 7.79 -2.43
CA GLY D 159 9.41 7.07 -1.30
C GLY D 159 8.76 7.27 0.06
N VAL D 160 7.52 7.74 0.09
CA VAL D 160 6.82 8.02 1.34
C VAL D 160 5.79 6.94 1.66
N GLU D 161 5.76 6.44 2.90
CA GLU D 161 4.66 5.61 3.40
C GLU D 161 4.26 6.13 4.78
N THR D 162 2.95 6.24 5.03
CA THR D 162 2.45 6.82 6.26
C THR D 162 1.36 5.91 6.82
N THR D 163 1.38 5.68 8.13
CA THR D 163 0.37 4.84 8.80
C THR D 163 -0.96 5.58 9.01
N THR D 164 -2.03 4.83 9.21
CA THR D 164 -3.29 5.42 9.64
C THR D 164 -3.17 5.64 11.16
N PRO D 165 -3.59 6.80 11.69
CA PRO D 165 -3.39 7.07 13.12
C PRO D 165 -4.00 5.99 14.00
N SER D 166 -3.28 5.62 15.05
CA SER D 166 -3.70 4.60 16.00
C SER D 166 -3.83 5.19 17.40
N LYS D 167 -4.93 4.86 18.08
CA LYS D 167 -5.14 5.41 19.39
C LYS D 167 -4.27 4.74 20.46
N GLN D 168 -3.51 5.56 21.18
CA GLN D 168 -2.47 5.05 22.10
C GLN D 168 -2.92 5.02 23.55
N SER D 169 -3.91 5.84 23.87
CA SER D 169 -4.39 5.93 25.22
C SER D 169 -5.86 6.29 25.08
N ASN D 170 -6.53 6.44 26.21
CA ASN D 170 -7.94 6.80 26.18
C ASN D 170 -8.19 8.10 25.44
N ASN D 171 -7.14 8.88 25.15
CA ASN D 171 -7.36 10.17 24.49
C ASN D 171 -6.34 10.72 23.51
N LYS D 172 -5.29 9.97 23.18
CA LYS D 172 -4.36 10.47 22.17
C LYS D 172 -4.04 9.45 21.08
N TYR D 173 -3.66 9.98 19.92
CA TYR D 173 -3.26 9.16 18.78
C TYR D 173 -1.77 9.31 18.49
N ALA D 174 -1.23 8.32 17.77
CA ALA D 174 0.11 8.42 17.20
C ALA D 174 0.05 8.00 15.75
N ALA D 175 1.06 8.37 14.98
CA ALA D 175 1.18 7.93 13.59
C ALA D 175 2.65 7.93 13.20
N TRP D 176 2.99 7.20 12.14
CA TRP D 176 4.36 7.17 11.63
C TRP D 176 4.38 7.47 10.17
N SER D 177 5.42 8.18 9.72
CA SER D 177 5.66 8.30 8.29
C SER D 177 7.12 8.00 8.02
N TYR D 178 7.37 7.37 6.88
CA TYR D 178 8.69 6.91 6.50
C TYR D 178 9.06 7.51 5.16
N LEU D 179 10.28 8.01 5.07
CA LEU D 179 10.83 8.45 3.79
C LEU D 179 12.04 7.59 3.43
N SER D 180 11.95 6.91 2.29
CA SER D 180 13.07 6.08 1.79
C SER D 180 13.90 6.87 0.81
N LEU D 181 15.23 6.86 0.99
CA LEU D 181 16.18 7.60 0.16
C LEU D 181 17.37 6.72 -0.12
N THR D 182 18.21 7.09 -1.08
CA THR D 182 19.51 6.41 -1.17
C THR D 182 20.47 7.12 -0.22
N PRO D 183 21.56 6.45 0.19
CA PRO D 183 22.50 7.14 1.06
C PRO D 183 23.06 8.40 0.41
N GLU D 184 23.23 8.40 -0.91
CA GLU D 184 23.72 9.59 -1.61
C GLU D 184 22.71 10.75 -1.57
N GLN D 185 21.42 10.46 -1.74
CA GLN D 185 20.39 11.51 -1.62
C GLN D 185 20.42 12.10 -0.21
N TRP D 186 20.54 11.25 0.80
CA TRP D 186 20.62 11.72 2.17
C TRP D 186 21.81 12.63 2.41
N LYS D 187 22.98 12.21 1.94
CA LYS D 187 24.22 12.93 2.21
C LYS D 187 24.36 14.24 1.41
N SER D 188 23.63 14.36 0.31
CA SER D 188 23.86 15.45 -0.64
C SER D 188 22.95 16.67 -0.44
N HIS D 189 21.95 16.57 0.44
CA HIS D 189 21.10 17.72 0.74
C HIS D 189 21.47 18.35 2.04
N ARG D 190 21.12 19.62 2.22
CA ARG D 190 21.38 20.32 3.46
C ARG D 190 20.51 19.76 4.59
N SER D 191 19.27 19.40 4.27
CA SER D 191 18.32 18.91 5.28
C SER D 191 17.12 18.20 4.65
N TYR D 192 16.40 17.45 5.48
CA TYR D 192 15.07 16.94 5.14
C TYR D 192 14.14 17.32 6.27
N SER D 193 12.86 17.46 5.92
CA SER D 193 11.85 17.81 6.88
C SER D 193 10.60 16.98 6.77
N CYS D 194 9.98 16.74 7.93
CA CYS D 194 8.64 16.14 7.99
C CYS D 194 7.68 17.17 8.55
N GLN D 195 6.63 17.46 7.79
CA GLN D 195 5.67 18.52 8.16
C GLN D 195 4.33 17.85 8.35
N VAL D 196 3.76 18.07 9.53
CA VAL D 196 2.52 17.38 9.92
C VAL D 196 1.43 18.45 10.05
N THR D 197 0.35 18.27 9.27
CA THR D 197 -0.81 19.14 9.36
C THR D 197 -1.90 18.48 10.21
N HIS D 198 -2.40 19.24 11.17
CA HIS D 198 -3.44 18.78 12.07
C HIS D 198 -4.35 19.95 12.29
N GLU D 199 -5.59 19.78 11.83
CA GLU D 199 -6.65 20.79 11.93
C GLU D 199 -6.21 22.15 11.42
N GLY D 200 -5.60 22.13 10.25
CA GLY D 200 -5.22 23.35 9.54
C GLY D 200 -3.95 24.03 9.98
N SER D 201 -3.30 23.50 11.01
CA SER D 201 -2.03 24.07 11.47
C SER D 201 -0.92 23.04 11.38
N THR D 202 0.32 23.49 11.28
CA THR D 202 1.39 22.54 10.98
C THR D 202 2.49 22.56 12.02
N VAL D 203 3.13 21.40 12.21
CA VAL D 203 4.34 21.31 13.02
C VAL D 203 5.35 20.60 12.13
N GLU D 204 6.49 21.24 11.93
CA GLU D 204 7.53 20.71 11.04
C GLU D 204 8.84 20.50 11.81
N LYS D 205 9.44 19.32 11.63
CA LYS D 205 10.76 19.06 12.17
C LYS D 205 11.76 18.79 11.07
N THR D 206 13.01 19.21 11.29
CA THR D 206 14.06 19.12 10.28
C THR D 206 15.27 18.36 10.82
N VAL D 207 15.90 17.55 9.97
CA VAL D 207 17.13 16.82 10.31
C VAL D 207 18.16 17.03 9.20
N ALA D 208 19.44 16.90 9.56
CA ALA D 208 20.53 17.12 8.63
C ALA D 208 21.61 16.03 8.83
N PRO D 209 22.27 15.62 7.73
CA PRO D 209 23.30 14.57 7.73
C PRO D 209 24.59 14.97 8.42
C1 GOL E . 12.27 -9.60 -2.71
O1 GOL E . 11.72 -8.38 -2.17
C2 GOL E . 11.44 -10.82 -2.33
O2 GOL E . 10.08 -10.73 -2.81
C3 GOL E . 11.36 -10.89 -0.82
O3 GOL E . 10.78 -12.13 -0.46
MG MG F . 8.75 8.18 -18.45
C1 GOL G . -26.65 10.00 -13.19
O1 GOL G . -26.67 11.20 -13.98
C2 GOL G . -25.35 9.84 -12.39
O2 GOL G . -25.14 11.00 -11.57
C3 GOL G . -24.13 9.74 -13.31
O3 GOL G . -22.97 9.50 -12.51
C1 GOL H . -2.23 -15.37 -3.05
O1 GOL H . -2.84 -14.07 -3.15
C2 GOL H . -0.90 -15.43 -3.79
O2 GOL H . 0.14 -14.66 -3.13
C3 GOL H . -1.09 -14.86 -5.19
O3 GOL H . 0.13 -15.05 -5.87
C1 GOL I . 14.73 19.13 19.81
O1 GOL I . 14.07 19.45 21.06
C2 GOL I . 13.82 18.43 18.81
O2 GOL I . 12.77 19.33 18.40
C3 GOL I . 13.18 17.18 19.40
O3 GOL I . 12.36 16.52 18.41
#